data_7C9V
#
_entry.id   7C9V
#
loop_
_entity.id
_entity.type
_entity.pdbx_description
1 polymer VP1
2 polymer VP2
3 polymer VP3
4 polymer VP4
5 polymer 'IgG receptor FcRn large subunit p51'
6 polymer Beta-2-microglobulin
7 non-polymer 'MYRISTIC ACID'
#
loop_
_entity_poly.entity_id
_entity_poly.type
_entity_poly.pdbx_seq_one_letter_code
_entity_poly.pdbx_strand_id
1 'polypeptide(L)'
;NDPESALNRAVGRVADTVASGPVNTEQIPALTAVETGHTSQVVPSDTMQTRHVINYHTRSESSIENFMGRAACVYIAQYA
TEKVNDELDRYTNWEITTRQVAQLRRKLEMFTYMRFDLEITFVITSSQRTSTTYASDSPPLTHQVMYVPPGGPIPKSYED
FAWQTSTNPSVFWTEGNAPPRMSIPFMSVGNAYCNFYDGWSHFSQSGVYGYTTLNNMGHLYFRHVNKSTAYPVNSVARVY
FKPKHVKAWVPRAPRLCPYLKARNVNFNVQGVTESRNKITLDRSTHNPLANT
;
A
2 'polypeptide(L)'
;SPTVEECGYSDRVRSITLGNSTITTQECANVVVGYGVWPTYLSDHEATAVDQPTQPDVATCRFYTLESVKWESSSAGWWW
KFPEALSDMGLFGQNMQYHYLGRTGYTIHVQCNASKFHQGCLLVVCVPEAEMGAATTDHAFNHTKLSNIGQAMEFSAKKS
TDQTGPQTAVHNAGMGVAVGNLTIFPHQWINLRTNNSATIVMPYINSVPMDNMYRHYNFTLMVIPFAKLEHSPQASTYVP
ITVTVAPMCAEYNGLRLAGHQ
;
B
3 'polypeptide(L)'
;GLPTMNTPGSTQFLTSDDFQSPSAMPQFDVTPEIQIPGQVRNLMEIAEVDSVVPVNNTEGHVNSMEAYRIPVRPQTSSGE
QVFGFQLQPGHDSVLKHTLLGEILNYYANWSGSMKLTFMYCGAAMATGKFLIAYSPPGAGVPGSRRDAMLGTHVIWDVGL
QSSCVLCVPWISQTNYRYVTSDAYTDAGYITCWYQTSIVTPPDIPTTSTILCFVSACNDFSVRLLRDTPFITQQALFQ
;
C
4 'polypeptide(L)' GAQVSTQKTGAHETGLNASGNSIIHYTNINYYKDSASNSLNRQDFTQDPSKFTEPVKDVMIKTLPALN D
5 'polypeptide(L)'
;LSLLYHLTAVSSPAPGTPAFWVSGWLGPQQYLSYNSLRGEAEPCGAWVWENQVSWYWEKETTDLRIKEKLFLEAFKALGG
KGPYTLQGLLGCELGPDNTSVPTAKFALNGEEFMNFDLKQGTWGGDWPEALAISQRWQQQDKAANKELTFLLFSCPHRLR
EHLERGRGNLEWKEPPSMRLKARPSSPGFSVLTCSAFSFYPPELQLRFLRNGLAAGTGQGDFGPNSDGSFHASSSLTVKS
GDEHHYCCIVQHAGLAQPLRVEL
;
E
6 'polypeptide(L)'
;IQRTPKIQVYSRHPAENGKSNFLNCYVSGFHPSDIEVDLLKNGERIEKVEHSDLSFSKDWSFYLLYYTEFTPTEKDEYAC
RVNHVTLSQPKIVKWDRDM
;
F
#
loop_
_chem_comp.id
_chem_comp.type
_chem_comp.name
_chem_comp.formula
MYR non-polymer 'MYRISTIC ACID' 'C14 H28 O2'
#
# COMPACT_ATOMS: atom_id res chain seq x y z
N ARG A 9 -20.85 42.40 5.65
CA ARG A 9 -20.71 41.79 4.34
C ARG A 9 -21.11 40.32 4.39
N ALA A 10 -21.31 39.72 3.22
CA ALA A 10 -21.69 38.33 3.16
C ALA A 10 -20.47 37.44 3.45
N VAL A 11 -20.74 36.19 3.71
CA VAL A 11 -19.70 35.22 3.95
C VAL A 11 -19.26 34.66 2.60
N GLY A 12 -18.00 34.22 2.54
CA GLY A 12 -17.43 33.72 1.32
C GLY A 12 -16.82 34.77 0.43
N ARG A 13 -17.23 36.02 0.56
CA ARG A 13 -16.69 37.09 -0.26
C ARG A 13 -15.28 37.43 0.17
N VAL A 14 -14.40 37.68 -0.80
CA VAL A 14 -13.03 38.00 -0.46
C VAL A 14 -12.95 39.44 0.04
N ALA A 15 -11.81 39.77 0.63
CA ALA A 15 -11.66 41.05 1.29
C ALA A 15 -11.33 42.14 0.29
N ASP A 16 -11.69 43.37 0.65
CA ASP A 16 -11.42 44.53 -0.19
C ASP A 16 -9.96 44.97 -0.04
N THR A 17 -9.63 46.08 -0.68
CA THR A 17 -8.33 46.71 -0.54
C THR A 17 -8.53 48.15 -0.12
N VAL A 18 -8.00 48.50 1.02
CA VAL A 18 -8.13 49.86 1.51
C VAL A 18 -7.14 50.75 0.78
N ALA A 19 -7.45 52.04 0.72
CA ALA A 19 -6.57 52.99 0.05
C ALA A 19 -5.36 53.27 0.91
N SER A 20 -4.19 53.21 0.32
CA SER A 20 -2.95 53.46 1.03
C SER A 20 -2.29 54.71 0.46
N GLY A 21 -1.34 55.24 1.22
CA GLY A 21 -0.60 56.40 0.79
C GLY A 21 0.89 56.19 0.94
N PRO A 22 1.66 57.24 0.73
CA PRO A 22 3.11 57.14 0.97
C PRO A 22 3.39 57.08 2.46
N VAL A 23 4.35 56.25 2.83
CA VAL A 23 4.72 56.06 4.21
C VAL A 23 6.23 56.20 4.35
N ASN A 24 6.66 56.60 5.54
CA ASN A 24 8.06 56.54 5.93
C ASN A 24 8.07 56.30 7.44
N THR A 25 8.08 55.03 7.82
CA THR A 25 7.78 54.65 9.19
C THR A 25 8.81 53.68 9.74
N GLU A 26 8.69 53.43 11.04
CA GLU A 26 9.43 52.35 11.68
C GLU A 26 8.83 51.00 11.35
N GLN A 27 7.57 50.96 10.92
CA GLN A 27 6.90 49.71 10.66
C GLN A 27 7.46 49.03 9.43
N ILE A 28 7.71 47.73 9.54
CA ILE A 28 8.25 46.96 8.41
C ILE A 28 7.34 45.78 8.09
N PRO A 29 6.28 45.99 7.33
CA PRO A 29 5.43 44.86 6.95
C PRO A 29 6.09 43.96 5.94
N ALA A 30 7.00 44.47 5.12
CA ALA A 30 7.60 43.66 4.09
C ALA A 30 8.62 42.69 4.63
N LEU A 31 9.21 42.97 5.78
CA LEU A 31 10.21 42.10 6.37
C LEU A 31 9.57 41.16 7.36
N THR A 32 9.90 39.88 7.28
CA THR A 32 9.40 38.89 8.21
C THR A 32 10.44 37.78 8.33
N ALA A 33 10.12 36.78 9.13
CA ALA A 33 10.98 35.60 9.26
C ALA A 33 10.17 34.37 8.89
N VAL A 34 10.62 33.66 7.86
CA VAL A 34 9.96 32.44 7.45
C VAL A 34 10.21 31.32 8.46
N GLU A 35 11.31 31.40 9.20
CA GLU A 35 11.75 30.38 10.15
C GLU A 35 10.71 30.03 11.20
N THR A 36 9.80 30.94 11.52
CA THR A 36 8.78 30.68 12.51
C THR A 36 7.64 29.84 11.97
N GLY A 37 7.69 29.40 10.72
CA GLY A 37 6.64 28.57 10.16
C GLY A 37 5.33 29.30 10.01
N HIS A 38 5.37 30.56 9.60
CA HIS A 38 4.20 31.42 9.65
C HIS A 38 4.10 32.19 8.36
N THR A 39 2.97 32.08 7.69
CA THR A 39 2.73 32.82 6.46
C THR A 39 2.49 34.29 6.77
N SER A 40 3.22 35.17 6.08
CA SER A 40 3.00 36.60 6.23
C SER A 40 1.67 36.99 5.64
N GLN A 41 1.04 38.00 6.24
CA GLN A 41 -0.26 38.49 5.80
C GLN A 41 -0.14 39.81 5.08
N VAL A 42 0.90 39.99 4.29
CA VAL A 42 1.14 41.24 3.59
C VAL A 42 0.17 41.40 2.44
N VAL A 43 -0.85 42.22 2.63
CA VAL A 43 -1.80 42.61 1.58
C VAL A 43 -1.09 43.60 0.68
N PRO A 44 -1.56 43.84 -0.56
CA PRO A 44 -0.86 44.81 -1.44
C PRO A 44 -0.90 46.24 -0.97
N SER A 45 -1.74 46.59 0.00
CA SER A 45 -1.78 47.96 0.50
C SER A 45 -0.72 48.23 1.54
N ASP A 46 0.32 47.41 1.60
CA ASP A 46 1.44 47.60 2.51
C ASP A 46 2.72 47.97 1.80
N THR A 47 2.94 47.50 0.58
CA THR A 47 4.18 47.75 -0.13
C THR A 47 4.02 48.69 -1.31
N MET A 48 2.83 49.24 -1.55
CA MET A 48 2.63 50.22 -2.61
C MET A 48 1.47 51.11 -2.22
N GLN A 49 1.08 51.98 -3.14
CA GLN A 49 -0.06 52.85 -2.94
C GLN A 49 -1.22 52.34 -3.76
N THR A 50 -2.32 51.99 -3.10
CA THR A 50 -3.46 51.37 -3.74
C THR A 50 -4.69 52.26 -3.66
N ARG A 51 -5.65 51.97 -4.51
CA ARG A 51 -6.96 52.59 -4.50
C ARG A 51 -7.95 51.68 -3.79
N HIS A 52 -9.05 52.28 -3.34
CA HIS A 52 -10.10 51.50 -2.70
C HIS A 52 -10.87 50.74 -3.78
N VAL A 53 -10.83 49.42 -3.71
CA VAL A 53 -11.48 48.58 -4.71
C VAL A 53 -12.44 47.65 -3.99
N ILE A 54 -13.72 47.78 -4.32
CA ILE A 54 -14.76 46.95 -3.72
C ILE A 54 -14.78 45.63 -4.47
N ASN A 55 -14.21 44.59 -3.85
CA ASN A 55 -14.13 43.29 -4.49
C ASN A 55 -15.41 42.52 -4.27
N TYR A 56 -15.95 41.96 -5.34
CA TYR A 56 -17.24 41.27 -5.28
C TYR A 56 -17.13 39.78 -5.48
N HIS A 57 -15.93 39.24 -5.60
CA HIS A 57 -15.78 37.81 -5.86
C HIS A 57 -16.09 37.01 -4.62
N THR A 58 -16.63 35.83 -4.82
CA THR A 58 -16.83 34.86 -3.76
C THR A 58 -15.96 33.64 -4.01
N ARG A 59 -15.93 32.77 -3.02
CA ARG A 59 -15.15 31.54 -3.07
C ARG A 59 -16.07 30.34 -3.07
N SER A 60 -17.14 30.39 -3.86
CA SER A 60 -18.13 29.33 -3.83
C SER A 60 -17.61 28.07 -4.51
N GLU A 61 -16.90 28.22 -5.62
CA GLU A 61 -16.44 27.07 -6.38
C GLU A 61 -15.30 26.33 -5.70
N SER A 62 -14.75 26.87 -4.62
CA SER A 62 -13.56 26.33 -4.00
C SER A 62 -13.84 25.64 -2.69
N SER A 63 -15.09 25.57 -2.25
CA SER A 63 -15.35 24.89 -1.01
C SER A 63 -15.31 23.39 -1.22
N ILE A 64 -15.18 22.66 -0.11
CA ILE A 64 -14.99 21.21 -0.15
C ILE A 64 -16.20 20.51 -0.71
N GLU A 65 -17.38 21.12 -0.57
CA GLU A 65 -18.58 20.53 -1.12
C GLU A 65 -18.58 20.59 -2.63
N ASN A 66 -18.34 21.77 -3.19
CA ASN A 66 -18.37 21.90 -4.64
C ASN A 66 -17.13 21.33 -5.29
N PHE A 67 -16.02 21.23 -4.55
CA PHE A 67 -14.81 20.67 -5.14
C PHE A 67 -14.95 19.17 -5.35
N MET A 68 -15.65 18.50 -4.45
CA MET A 68 -15.85 17.08 -4.55
C MET A 68 -17.18 16.71 -5.17
N GLY A 69 -18.17 17.59 -5.13
CA GLY A 69 -19.51 17.23 -5.51
C GLY A 69 -19.78 17.12 -7.00
N ARG A 70 -18.96 16.36 -7.71
CA ARG A 70 -19.19 16.04 -9.11
C ARG A 70 -18.91 14.56 -9.28
N ALA A 71 -19.81 13.86 -9.94
CA ALA A 71 -19.74 12.41 -9.98
C ALA A 71 -18.63 11.94 -10.90
N ALA A 72 -17.82 11.00 -10.42
CA ALA A 72 -16.68 10.50 -11.18
C ALA A 72 -16.73 8.98 -11.25
N CYS A 73 -16.23 8.44 -12.35
CA CYS A 73 -16.24 6.99 -12.56
C CYS A 73 -15.21 6.33 -11.66
N VAL A 74 -15.54 5.17 -11.13
CA VAL A 74 -14.62 4.43 -10.27
C VAL A 74 -14.35 3.02 -10.74
N TYR A 75 -15.24 2.39 -11.50
CA TYR A 75 -15.01 1.04 -11.95
C TYR A 75 -15.71 0.84 -13.28
N ILE A 76 -15.19 -0.10 -14.06
CA ILE A 76 -15.80 -0.53 -15.32
C ILE A 76 -15.93 -2.03 -15.23
N ALA A 77 -17.12 -2.52 -14.93
CA ALA A 77 -17.38 -3.94 -14.75
C ALA A 77 -17.95 -4.52 -16.03
N GLN A 78 -17.40 -5.65 -16.48
CA GLN A 78 -17.85 -6.29 -17.70
C GLN A 78 -18.36 -7.70 -17.39
N TYR A 79 -19.45 -8.06 -18.04
CA TYR A 79 -20.10 -9.35 -17.81
C TYR A 79 -21.04 -9.63 -18.97
N ALA A 80 -21.03 -10.86 -19.46
CA ALA A 80 -21.73 -11.19 -20.67
C ALA A 80 -23.04 -11.89 -20.35
N THR A 81 -23.70 -12.41 -21.38
CA THR A 81 -24.85 -13.29 -21.23
C THR A 81 -24.52 -14.73 -21.59
N GLU A 82 -23.24 -15.04 -21.70
CA GLU A 82 -22.78 -16.37 -22.05
C GLU A 82 -21.31 -16.45 -21.69
N LYS A 83 -20.95 -17.44 -20.88
CA LYS A 83 -19.56 -17.62 -20.46
C LYS A 83 -18.64 -17.81 -21.65
N VAL A 84 -17.49 -17.15 -21.63
CA VAL A 84 -16.50 -17.27 -22.70
C VAL A 84 -15.17 -17.59 -22.06
N ASN A 85 -15.01 -17.03 -20.87
CA ASN A 85 -13.81 -17.16 -20.04
C ASN A 85 -14.25 -16.80 -18.63
N ASP A 86 -13.38 -17.02 -17.66
CA ASP A 86 -13.72 -16.70 -16.29
C ASP A 86 -14.01 -15.20 -16.23
N GLU A 87 -13.22 -14.42 -16.96
CA GLU A 87 -13.38 -12.97 -17.01
C GLU A 87 -14.73 -12.51 -17.58
N LEU A 88 -15.20 -13.16 -18.64
CA LEU A 88 -16.47 -12.76 -19.25
C LEU A 88 -17.59 -13.71 -18.82
N ASP A 89 -17.62 -14.05 -17.54
CA ASP A 89 -18.63 -14.94 -17.01
C ASP A 89 -20.00 -14.28 -17.03
N ARG A 90 -21.01 -15.04 -16.61
CA ARG A 90 -22.37 -14.52 -16.50
C ARG A 90 -22.47 -13.44 -15.43
N TYR A 91 -21.56 -13.45 -14.47
CA TYR A 91 -21.59 -12.51 -13.36
C TYR A 91 -20.18 -12.01 -13.10
N THR A 92 -20.09 -10.86 -12.44
CA THR A 92 -18.81 -10.31 -12.04
C THR A 92 -18.98 -9.65 -10.69
N ASN A 93 -17.85 -9.30 -10.08
CA ASN A 93 -17.87 -8.66 -8.79
C ASN A 93 -16.87 -7.53 -8.77
N TRP A 94 -16.92 -6.73 -7.71
CA TRP A 94 -15.99 -5.63 -7.55
C TRP A 94 -15.88 -5.32 -6.08
N GLU A 95 -14.66 -5.36 -5.55
CA GLU A 95 -14.43 -4.87 -4.20
C GLU A 95 -14.50 -3.35 -4.21
N ILE A 96 -15.33 -2.78 -3.35
CA ILE A 96 -15.62 -1.35 -3.44
C ILE A 96 -14.43 -0.56 -2.92
N THR A 97 -13.83 0.22 -3.80
CA THR A 97 -12.70 1.06 -3.46
C THR A 97 -12.67 2.24 -4.41
N THR A 98 -12.11 3.34 -3.95
CA THR A 98 -11.94 4.51 -4.80
C THR A 98 -10.50 4.69 -5.24
N ARG A 99 -9.72 3.62 -5.26
CA ARG A 99 -8.30 3.73 -5.54
C ARG A 99 -7.95 3.16 -6.90
N GLN A 100 -8.92 2.91 -7.76
CA GLN A 100 -8.61 2.28 -9.03
C GLN A 100 -8.62 3.23 -10.20
N VAL A 101 -9.27 4.37 -10.08
CA VAL A 101 -9.20 5.40 -11.09
C VAL A 101 -8.22 6.45 -10.61
N ALA A 102 -7.64 7.18 -11.55
CA ALA A 102 -6.62 8.16 -11.21
C ALA A 102 -7.19 9.55 -11.01
N GLN A 103 -8.40 9.81 -11.47
CA GLN A 103 -8.98 11.13 -11.31
C GLN A 103 -9.50 11.36 -9.91
N LEU A 104 -10.38 10.48 -9.44
CA LEU A 104 -10.96 10.64 -8.12
C LEU A 104 -9.98 10.32 -6.99
N ARG A 105 -8.95 9.51 -7.26
CA ARG A 105 -8.03 9.17 -6.19
C ARG A 105 -7.18 10.36 -5.80
N ARG A 106 -6.75 11.15 -6.79
CA ARG A 106 -5.89 12.29 -6.49
C ARG A 106 -6.66 13.39 -5.79
N LYS A 107 -7.97 13.45 -5.96
CA LYS A 107 -8.76 14.43 -5.22
C LYS A 107 -8.95 13.98 -3.78
N LEU A 108 -9.25 12.71 -3.56
CA LEU A 108 -9.45 12.22 -2.21
C LEU A 108 -8.15 12.07 -1.45
N GLU A 109 -7.01 12.07 -2.12
CA GLU A 109 -5.73 11.99 -1.44
C GLU A 109 -5.20 13.35 -1.03
N MET A 110 -5.98 14.40 -1.22
CA MET A 110 -5.55 15.71 -0.75
C MET A 110 -5.83 15.90 0.72
N PHE A 111 -6.68 15.07 1.30
CA PHE A 111 -7.01 15.15 2.71
C PHE A 111 -6.73 13.80 3.35
N THR A 112 -6.42 13.83 4.64
CA THR A 112 -6.05 12.60 5.31
C THR A 112 -7.27 11.83 5.75
N TYR A 113 -8.18 12.47 6.47
CA TYR A 113 -9.41 11.84 6.93
C TYR A 113 -10.59 12.58 6.34
N MET A 114 -11.47 11.84 5.68
CA MET A 114 -12.66 12.41 5.09
C MET A 114 -13.88 11.68 5.63
N ARG A 115 -15.01 12.37 5.62
CA ARG A 115 -16.25 11.81 6.13
C ARG A 115 -17.37 12.30 5.24
N PHE A 116 -18.03 11.40 4.53
CA PHE A 116 -19.01 11.84 3.56
C PHE A 116 -20.05 10.76 3.32
N ASP A 117 -21.24 11.19 2.93
CA ASP A 117 -22.21 10.29 2.34
C ASP A 117 -21.84 10.05 0.88
N LEU A 118 -22.56 9.15 0.24
CA LEU A 118 -22.22 8.76 -1.12
C LEU A 118 -23.48 8.73 -1.96
N GLU A 119 -23.30 8.72 -3.28
CA GLU A 119 -24.41 8.61 -4.22
C GLU A 119 -23.91 7.86 -5.44
N ILE A 120 -24.38 6.63 -5.61
CA ILE A 120 -23.82 5.71 -6.57
C ILE A 120 -24.76 5.61 -7.76
N THR A 121 -24.25 5.87 -8.95
CA THR A 121 -25.03 5.87 -10.18
C THR A 121 -24.36 4.95 -11.19
N PHE A 122 -25.15 4.13 -11.86
CA PHE A 122 -24.64 3.13 -12.79
C PHE A 122 -25.04 3.51 -14.21
N VAL A 123 -24.08 3.63 -15.09
CA VAL A 123 -24.35 3.76 -16.52
C VAL A 123 -24.04 2.41 -17.14
N ILE A 124 -25.06 1.74 -17.64
CA ILE A 124 -24.95 0.35 -18.09
C ILE A 124 -25.27 0.30 -19.57
N THR A 125 -24.37 -0.30 -20.34
CA THR A 125 -24.50 -0.36 -21.78
C THR A 125 -24.12 -1.74 -22.25
N SER A 126 -24.94 -2.31 -23.11
CA SER A 126 -24.67 -3.62 -23.67
C SER A 126 -24.37 -3.49 -25.16
N SER A 127 -23.57 -4.41 -25.67
CA SER A 127 -23.26 -4.44 -27.08
C SER A 127 -23.21 -5.88 -27.54
N GLN A 128 -23.76 -6.13 -28.70
CA GLN A 128 -23.94 -7.49 -29.19
C GLN A 128 -22.60 -8.04 -29.68
N ARG A 129 -22.22 -9.21 -29.18
CA ARG A 129 -20.87 -9.73 -29.41
C ARG A 129 -20.70 -10.20 -30.85
N THR A 130 -19.47 -10.13 -31.33
CA THR A 130 -19.17 -10.41 -32.73
C THR A 130 -19.30 -11.90 -33.01
N SER A 131 -20.19 -12.25 -33.92
CA SER A 131 -20.39 -13.63 -34.32
C SER A 131 -20.57 -13.66 -35.83
N THR A 132 -21.04 -14.80 -36.34
CA THR A 132 -21.26 -14.91 -37.78
C THR A 132 -22.63 -14.42 -38.20
N THR A 133 -23.55 -14.23 -37.27
CA THR A 133 -24.86 -13.68 -37.58
C THR A 133 -25.41 -12.97 -36.37
N TYR A 134 -26.33 -12.04 -36.62
CA TYR A 134 -26.81 -11.15 -35.59
C TYR A 134 -28.31 -10.98 -35.58
N ALA A 135 -29.02 -11.58 -36.54
CA ALA A 135 -30.46 -11.38 -36.67
C ALA A 135 -31.17 -12.14 -35.58
N SER A 136 -31.60 -11.42 -34.55
CA SER A 136 -32.36 -12.03 -33.47
C SER A 136 -33.26 -10.97 -32.87
N ASP A 137 -34.46 -11.38 -32.48
CA ASP A 137 -35.40 -10.53 -31.77
C ASP A 137 -35.21 -10.83 -30.29
N SER A 138 -34.90 -9.80 -29.52
CA SER A 138 -34.72 -10.04 -28.11
C SER A 138 -35.57 -9.08 -27.30
N PRO A 139 -36.15 -9.55 -26.19
CA PRO A 139 -36.80 -8.66 -25.26
C PRO A 139 -35.77 -7.81 -24.53
N PRO A 140 -36.18 -6.69 -23.93
CA PRO A 140 -35.21 -5.81 -23.28
C PRO A 140 -34.59 -6.44 -22.05
N LEU A 141 -33.29 -6.20 -21.87
CA LEU A 141 -32.54 -6.84 -20.81
C LEU A 141 -32.80 -6.19 -19.46
N THR A 142 -32.72 -7.00 -18.42
CA THR A 142 -32.84 -6.52 -17.04
C THR A 142 -31.57 -6.89 -16.31
N HIS A 143 -30.94 -5.90 -15.69
CA HIS A 143 -29.71 -6.10 -14.94
C HIS A 143 -30.01 -6.08 -13.45
N GLN A 144 -29.20 -6.81 -12.69
CA GLN A 144 -29.29 -6.83 -11.25
C GLN A 144 -27.94 -6.47 -10.68
N VAL A 145 -27.92 -5.55 -9.73
CA VAL A 145 -26.72 -5.16 -9.02
C VAL A 145 -26.98 -5.41 -7.55
N MET A 146 -26.30 -6.40 -6.98
CA MET A 146 -26.48 -6.73 -5.58
C MET A 146 -25.27 -6.27 -4.78
N TYR A 147 -25.52 -5.59 -3.67
CA TYR A 147 -24.48 -5.09 -2.80
C TYR A 147 -24.34 -6.00 -1.60
N VAL A 148 -23.15 -6.58 -1.44
CA VAL A 148 -22.89 -7.54 -0.37
C VAL A 148 -22.07 -6.83 0.70
N PRO A 149 -22.55 -6.74 1.93
CA PRO A 149 -21.77 -6.14 3.00
C PRO A 149 -20.63 -7.05 3.41
N PRO A 150 -19.65 -6.56 4.19
CA PRO A 150 -18.55 -7.45 4.60
C PRO A 150 -18.99 -8.57 5.51
N GLY A 151 -18.87 -9.80 5.03
CA GLY A 151 -19.31 -10.96 5.76
C GLY A 151 -20.44 -11.72 5.11
N GLY A 152 -21.05 -11.18 4.08
CA GLY A 152 -22.22 -11.78 3.49
C GLY A 152 -21.88 -12.97 2.63
N PRO A 153 -22.87 -13.81 2.36
CA PRO A 153 -22.63 -14.95 1.47
C PRO A 153 -22.58 -14.49 0.02
N ILE A 154 -21.52 -14.86 -0.66
CA ILE A 154 -21.31 -14.38 -2.03
C ILE A 154 -21.90 -15.38 -3.01
N PRO A 155 -22.30 -14.95 -4.20
CA PRO A 155 -22.78 -15.90 -5.22
C PRO A 155 -21.62 -16.66 -5.81
N LYS A 156 -21.77 -17.98 -5.91
CA LYS A 156 -20.75 -18.79 -6.55
C LYS A 156 -20.80 -18.64 -8.05
N SER A 157 -21.99 -18.61 -8.63
CA SER A 157 -22.15 -18.56 -10.07
C SER A 157 -23.51 -17.96 -10.38
N TYR A 158 -23.96 -18.13 -11.61
CA TYR A 158 -25.35 -17.88 -11.94
C TYR A 158 -26.24 -18.89 -11.22
N GLU A 159 -27.56 -18.60 -11.24
CA GLU A 159 -28.65 -19.33 -10.60
C GLU A 159 -28.38 -19.76 -9.16
N ASP A 160 -27.62 -18.95 -8.43
CA ASP A 160 -27.24 -19.28 -7.08
C ASP A 160 -28.41 -19.11 -6.12
N PHE A 161 -28.32 -19.79 -4.97
CA PHE A 161 -29.20 -19.52 -3.84
C PHE A 161 -29.15 -18.05 -3.44
N ALA A 162 -27.96 -17.45 -3.49
CA ALA A 162 -27.73 -16.16 -2.86
C ALA A 162 -28.17 -14.97 -3.68
N TRP A 163 -28.62 -15.17 -4.92
CA TRP A 163 -29.17 -14.05 -5.68
C TRP A 163 -30.59 -13.72 -5.26
N GLN A 164 -31.18 -14.46 -4.32
CA GLN A 164 -32.52 -14.17 -3.83
C GLN A 164 -32.59 -12.92 -2.98
N THR A 165 -31.43 -12.40 -2.56
CA THR A 165 -31.21 -11.15 -1.79
C THR A 165 -32.23 -10.93 -0.67
N SER A 166 -32.21 -11.86 0.28
CA SER A 166 -33.17 -11.85 1.37
C SER A 166 -33.02 -10.64 2.27
N THR A 167 -31.80 -10.15 2.45
CA THR A 167 -31.56 -8.93 3.22
C THR A 167 -30.63 -7.95 2.53
N ASN A 168 -29.81 -8.38 1.56
CA ASN A 168 -28.92 -7.47 0.88
C ASN A 168 -29.72 -6.50 0.01
N PRO A 169 -29.39 -5.22 0.02
CA PRO A 169 -30.07 -4.28 -0.88
C PRO A 169 -29.62 -4.51 -2.31
N SER A 170 -30.57 -4.55 -3.22
CA SER A 170 -30.30 -4.80 -4.63
C SER A 170 -31.07 -3.80 -5.47
N VAL A 171 -30.71 -3.73 -6.74
CA VAL A 171 -31.44 -2.87 -7.66
C VAL A 171 -31.67 -3.65 -8.95
N PHE A 172 -32.81 -3.40 -9.58
CA PHE A 172 -33.16 -4.05 -10.84
C PHE A 172 -33.46 -2.96 -11.84
N TRP A 173 -32.91 -3.09 -13.04
CA TRP A 173 -32.98 -2.01 -14.01
C TRP A 173 -33.16 -2.60 -15.40
N THR A 174 -34.18 -2.14 -16.10
CA THR A 174 -34.43 -2.56 -17.47
C THR A 174 -33.86 -1.51 -18.41
N GLU A 175 -33.19 -1.98 -19.46
CA GLU A 175 -32.47 -1.09 -20.36
C GLU A 175 -33.42 -0.19 -21.14
N GLY A 176 -33.02 1.06 -21.28
CA GLY A 176 -33.81 2.06 -21.96
C GLY A 176 -34.34 3.15 -21.06
N ASN A 177 -34.39 2.91 -19.77
CA ASN A 177 -34.90 3.91 -18.84
C ASN A 177 -33.75 4.77 -18.32
N ALA A 178 -34.02 5.53 -17.27
CA ALA A 178 -33.00 6.34 -16.63
C ALA A 178 -32.01 5.44 -15.88
N PRO A 179 -30.79 5.91 -15.65
CA PRO A 179 -29.82 5.10 -14.93
C PRO A 179 -30.19 4.95 -13.47
N PRO A 180 -29.82 3.84 -12.84
CA PRO A 180 -30.17 3.64 -11.43
C PRO A 180 -29.30 4.47 -10.52
N ARG A 181 -29.84 4.77 -9.35
CA ARG A 181 -29.13 5.62 -8.40
C ARG A 181 -29.66 5.35 -7.01
N MET A 182 -28.78 5.03 -6.08
CA MET A 182 -29.13 4.91 -4.67
C MET A 182 -28.08 5.61 -3.84
N SER A 183 -28.45 6.02 -2.64
CA SER A 183 -27.57 6.76 -1.77
C SER A 183 -27.07 5.87 -0.64
N ILE A 184 -25.80 6.04 -0.28
CA ILE A 184 -25.14 5.23 0.74
C ILE A 184 -24.71 6.18 1.85
N PRO A 185 -25.03 5.91 3.10
CA PRO A 185 -24.58 6.80 4.18
C PRO A 185 -23.12 6.59 4.53
N PHE A 186 -22.65 7.28 5.55
CA PHE A 186 -21.29 7.12 6.03
C PHE A 186 -21.13 5.75 6.68
N MET A 187 -20.16 4.98 6.20
CA MET A 187 -20.16 3.55 6.41
C MET A 187 -19.05 3.00 7.28
N SER A 188 -18.12 3.83 7.74
CA SER A 188 -16.96 3.26 8.39
C SER A 188 -17.27 2.92 9.84
N VAL A 189 -16.36 2.16 10.44
CA VAL A 189 -16.49 1.82 11.84
C VAL A 189 -15.76 2.79 12.75
N GLY A 190 -14.86 3.60 12.20
CA GLY A 190 -14.17 4.58 12.98
C GLY A 190 -14.98 5.85 13.09
N ASN A 191 -14.35 6.99 12.87
CA ASN A 191 -15.08 8.23 12.80
C ASN A 191 -14.80 9.02 11.54
N ALA A 192 -13.90 8.55 10.69
CA ALA A 192 -13.63 9.15 9.40
C ALA A 192 -12.95 8.11 8.54
N TYR A 193 -13.12 8.24 7.23
CA TYR A 193 -12.42 7.37 6.30
C TYR A 193 -10.95 7.72 6.32
N CYS A 194 -10.09 6.75 6.60
CA CYS A 194 -8.66 7.00 6.56
C CYS A 194 -8.18 6.84 5.14
N ASN A 195 -7.85 7.95 4.49
CA ASN A 195 -7.27 7.86 3.15
C ASN A 195 -5.84 7.37 3.19
N PHE A 196 -5.17 7.48 4.33
CA PHE A 196 -3.82 6.99 4.48
C PHE A 196 -3.72 6.28 5.82
N TYR A 197 -2.73 5.40 5.92
CA TYR A 197 -2.52 4.64 7.14
C TYR A 197 -1.06 4.22 7.17
N ASP A 198 -0.25 4.95 7.91
CA ASP A 198 1.16 4.57 8.05
C ASP A 198 1.27 3.57 9.18
N GLY A 199 0.95 2.33 8.87
CA GLY A 199 1.01 1.30 9.88
C GLY A 199 0.73 -0.05 9.26
N TRP A 200 0.87 -1.07 10.09
CA TRP A 200 0.73 -2.45 9.67
C TRP A 200 -0.62 -2.98 10.10
N SER A 201 -0.89 -4.23 9.75
CA SER A 201 -2.15 -4.85 10.08
C SER A 201 -2.07 -5.63 11.40
N HIS A 202 -1.10 -6.52 11.51
CA HIS A 202 -0.94 -7.28 12.74
C HIS A 202 -0.06 -6.54 13.73
N PHE A 203 -0.15 -6.94 14.99
CA PHE A 203 0.54 -6.26 16.06
C PHE A 203 2.03 -6.52 16.08
N SER A 204 2.50 -7.51 15.33
CA SER A 204 3.93 -7.78 15.24
C SER A 204 4.61 -6.96 14.16
N GLN A 205 3.90 -5.97 13.60
CA GLN A 205 4.36 -5.11 12.52
C GLN A 205 4.79 -5.93 11.31
N SER A 206 3.85 -6.74 10.85
CA SER A 206 4.01 -7.49 9.63
C SER A 206 2.62 -7.79 9.11
N GLY A 207 2.56 -8.37 7.92
CA GLY A 207 1.31 -8.55 7.22
C GLY A 207 1.24 -7.63 6.02
N VAL A 208 0.11 -7.06 5.79
CA VAL A 208 -0.03 -6.08 4.71
C VAL A 208 0.26 -4.71 5.31
N TYR A 209 0.76 -3.81 4.47
CA TYR A 209 1.14 -2.49 4.90
C TYR A 209 0.31 -1.47 4.16
N GLY A 210 -0.27 -0.53 4.88
CA GLY A 210 -0.92 0.56 4.21
C GLY A 210 -2.38 0.71 4.51
N TYR A 211 -3.09 1.42 3.64
CA TYR A 211 -4.45 1.87 3.91
C TYR A 211 -5.50 0.78 3.69
N THR A 212 -5.12 -0.37 3.14
CA THR A 212 -6.10 -1.39 2.82
C THR A 212 -6.68 -2.08 4.04
N THR A 213 -6.06 -1.91 5.21
CA THR A 213 -6.49 -2.62 6.40
C THR A 213 -7.81 -2.11 6.94
N LEU A 214 -8.15 -0.85 6.68
CA LEU A 214 -9.33 -0.27 7.30
C LEU A 214 -10.55 -0.30 6.40
N ASN A 215 -10.41 0.17 5.17
CA ASN A 215 -11.54 0.48 4.30
C ASN A 215 -12.10 -0.81 3.73
N ASN A 216 -13.08 -1.36 4.45
CA ASN A 216 -13.83 -2.54 4.04
C ASN A 216 -15.26 -2.09 3.81
N MET A 217 -15.54 -1.59 2.61
CA MET A 217 -16.88 -1.16 2.28
C MET A 217 -17.78 -2.30 1.85
N GLY A 218 -17.22 -3.39 1.35
CA GLY A 218 -18.02 -4.51 0.89
C GLY A 218 -17.83 -4.77 -0.58
N HIS A 219 -18.63 -5.68 -1.10
CA HIS A 219 -18.55 -6.06 -2.50
C HIS A 219 -19.74 -5.51 -3.26
N LEU A 220 -19.81 -5.87 -4.55
CA LEU A 220 -20.87 -5.41 -5.43
C LEU A 220 -20.92 -6.39 -6.59
N TYR A 221 -22.03 -7.10 -6.74
CA TYR A 221 -22.12 -8.18 -7.71
C TYR A 221 -23.12 -7.81 -8.81
N PHE A 222 -22.76 -8.13 -10.05
CA PHE A 222 -23.51 -7.76 -11.23
C PHE A 222 -23.89 -9.02 -11.99
N ARG A 223 -25.10 -9.04 -12.56
CA ARG A 223 -25.52 -10.14 -13.41
C ARG A 223 -26.72 -9.70 -14.25
N HIS A 224 -27.01 -10.51 -15.27
CA HIS A 224 -28.23 -10.35 -16.07
C HIS A 224 -29.35 -11.16 -15.45
N VAL A 225 -30.53 -10.56 -15.34
CA VAL A 225 -31.66 -11.30 -14.80
C VAL A 225 -32.18 -12.30 -15.83
N ASN A 226 -32.13 -11.92 -17.11
CA ASN A 226 -32.59 -12.78 -18.19
C ASN A 226 -31.75 -14.04 -18.30
N LYS A 227 -32.41 -15.16 -18.56
CA LYS A 227 -31.74 -16.45 -18.50
C LYS A 227 -30.75 -16.61 -19.64
N SER A 228 -31.16 -16.31 -20.86
CA SER A 228 -30.28 -16.41 -22.01
C SER A 228 -30.82 -15.52 -23.11
N THR A 229 -30.00 -15.34 -24.14
CA THR A 229 -30.41 -14.68 -25.36
C THR A 229 -30.06 -15.59 -26.52
N ALA A 230 -30.50 -15.21 -27.72
CA ALA A 230 -30.20 -16.02 -28.89
C ALA A 230 -28.74 -15.93 -29.27
N TYR A 231 -28.19 -14.74 -29.25
CA TYR A 231 -26.78 -14.53 -29.48
C TYR A 231 -26.22 -13.72 -28.32
N PRO A 232 -25.01 -14.04 -27.86
CA PRO A 232 -24.55 -13.47 -26.59
C PRO A 232 -24.21 -11.99 -26.70
N VAL A 233 -24.58 -11.24 -25.66
CA VAL A 233 -24.26 -9.83 -25.61
C VAL A 233 -23.25 -9.61 -24.50
N ASN A 234 -22.54 -8.51 -24.59
CA ASN A 234 -21.55 -8.12 -23.60
C ASN A 234 -22.00 -6.81 -22.98
N SER A 235 -22.33 -6.85 -21.70
CA SER A 235 -22.72 -5.64 -20.99
C SER A 235 -21.52 -5.05 -20.28
N VAL A 236 -21.57 -3.74 -20.07
CA VAL A 236 -20.53 -3.01 -19.38
C VAL A 236 -21.24 -2.02 -18.46
N ALA A 237 -20.95 -2.09 -17.17
CA ALA A 237 -21.62 -1.25 -16.19
C ALA A 237 -20.60 -0.34 -15.54
N ARG A 238 -20.59 0.93 -15.93
CA ARG A 238 -19.70 1.90 -15.31
C ARG A 238 -20.35 2.43 -14.04
N VAL A 239 -19.55 2.54 -12.98
CA VAL A 239 -20.03 2.93 -11.66
C VAL A 239 -19.52 4.32 -11.35
N TYR A 240 -20.40 5.20 -10.93
CA TYR A 240 -20.06 6.58 -10.65
C TYR A 240 -20.30 6.89 -9.19
N PHE A 241 -19.34 7.53 -8.54
CA PHE A 241 -19.44 7.92 -7.14
C PHE A 241 -19.53 9.44 -7.05
N LYS A 242 -20.37 9.92 -6.16
CA LYS A 242 -20.45 11.35 -5.87
C LYS A 242 -20.46 11.55 -4.37
N PRO A 243 -19.40 12.12 -3.80
CA PRO A 243 -19.40 12.37 -2.35
C PRO A 243 -20.29 13.56 -2.03
N LYS A 244 -21.20 13.38 -1.08
CA LYS A 244 -22.02 14.48 -0.62
C LYS A 244 -22.00 14.53 0.88
N HIS A 245 -22.28 15.72 1.43
CA HIS A 245 -22.16 16.05 2.85
C HIS A 245 -20.75 15.74 3.36
N VAL A 246 -19.78 16.48 2.81
CA VAL A 246 -18.37 16.16 2.93
C VAL A 246 -17.75 16.98 4.05
N LYS A 247 -16.99 16.30 4.92
CA LYS A 247 -16.10 16.95 5.88
C LYS A 247 -14.71 16.37 5.66
N ALA A 248 -13.68 17.20 5.76
CA ALA A 248 -12.32 16.74 5.54
C ALA A 248 -11.40 17.33 6.59
N TRP A 249 -10.30 16.63 6.85
CA TRP A 249 -9.33 17.07 7.84
C TRP A 249 -7.92 16.81 7.35
N VAL A 250 -6.98 17.59 7.87
CA VAL A 250 -5.53 17.44 7.70
C VAL A 250 -5.12 17.37 6.24
N PRO A 251 -5.01 18.51 5.57
CA PRO A 251 -4.76 18.49 4.12
C PRO A 251 -3.36 18.00 3.78
N ARG A 252 -3.28 17.00 2.92
CA ARG A 252 -2.00 16.49 2.47
C ARG A 252 -1.51 17.29 1.28
N ALA A 253 -0.27 17.11 0.96
CA ALA A 253 0.29 17.73 -0.23
C ALA A 253 -0.06 16.90 -1.45
N PRO A 254 -0.36 17.53 -2.58
CA PRO A 254 -0.98 16.80 -3.69
C PRO A 254 0.05 15.96 -4.42
N ARG A 255 -0.38 14.78 -4.86
CA ARG A 255 0.54 13.78 -5.36
C ARG A 255 1.11 14.17 -6.71
N LEU A 256 2.38 13.84 -6.91
CA LEU A 256 3.13 14.24 -8.09
C LEU A 256 3.42 13.07 -9.02
N CYS A 257 3.97 12.01 -8.51
CA CYS A 257 4.27 10.84 -9.33
C CYS A 257 2.98 10.04 -9.57
N PRO A 258 2.75 9.55 -10.78
CA PRO A 258 1.52 8.82 -11.05
C PRO A 258 1.51 7.45 -10.39
N TYR A 259 0.31 6.95 -10.16
CA TYR A 259 0.13 5.74 -9.37
C TYR A 259 0.55 4.51 -10.14
N LEU A 260 0.70 3.41 -9.40
CA LEU A 260 1.09 2.16 -10.01
C LEU A 260 0.14 1.03 -9.63
N LYS A 261 -0.35 1.04 -8.40
CA LYS A 261 -1.20 -0.03 -7.91
C LYS A 261 -2.38 0.56 -7.17
N ALA A 262 -3.31 -0.30 -6.78
CA ALA A 262 -4.51 0.15 -6.09
C ALA A 262 -4.44 -0.04 -4.59
N ARG A 263 -3.59 -0.94 -4.11
CA ARG A 263 -3.47 -1.20 -2.69
C ARG A 263 -2.28 -0.48 -2.07
N ASN A 264 -1.40 0.06 -2.89
CA ASN A 264 -0.16 0.67 -2.43
C ASN A 264 -0.17 2.14 -2.77
N VAL A 265 0.91 2.81 -2.39
CA VAL A 265 1.20 4.16 -2.83
C VAL A 265 2.50 4.23 -3.60
N ASN A 266 2.99 3.10 -4.11
CA ASN A 266 4.31 3.00 -4.69
C ASN A 266 4.44 3.85 -5.94
N PHE A 267 5.67 4.15 -6.29
CA PHE A 267 5.92 5.14 -7.33
C PHE A 267 7.33 4.95 -7.86
N ASN A 268 7.55 5.47 -9.05
CA ASN A 268 8.90 5.73 -9.53
C ASN A 268 9.22 7.18 -9.21
N VAL A 269 10.50 7.47 -9.14
CA VAL A 269 10.90 8.84 -8.85
C VAL A 269 10.72 9.70 -10.09
N GLN A 270 10.45 10.98 -9.88
CA GLN A 270 10.23 11.91 -10.97
C GLN A 270 10.89 13.22 -10.64
N GLY A 271 10.93 14.11 -11.62
CA GLY A 271 11.36 15.45 -11.36
C GLY A 271 10.39 16.21 -10.50
N VAL A 272 10.89 17.28 -9.89
CA VAL A 272 10.01 18.15 -9.12
C VAL A 272 9.09 18.91 -10.06
N THR A 273 9.61 19.36 -11.20
CA THR A 273 8.81 20.03 -12.20
C THR A 273 9.44 19.79 -13.56
N GLU A 274 8.93 20.48 -14.57
CA GLU A 274 9.55 20.42 -15.89
C GLU A 274 10.80 21.28 -15.91
N SER A 275 11.59 21.13 -16.95
CA SER A 275 12.83 21.86 -17.07
C SER A 275 12.69 23.09 -17.94
N ARG A 276 13.71 23.95 -17.87
CA ARG A 276 13.87 25.05 -18.78
C ARG A 276 15.35 25.26 -19.00
N ASN A 277 15.69 26.21 -19.86
CA ASN A 277 17.09 26.35 -20.29
C ASN A 277 17.94 26.99 -19.21
N LYS A 278 17.62 28.23 -18.83
CA LYS A 278 18.41 28.94 -17.86
C LYS A 278 17.49 29.61 -16.85
N ILE A 279 18.11 30.15 -15.80
CA ILE A 279 17.35 30.72 -14.68
C ILE A 279 16.95 32.17 -14.92
N THR A 280 17.48 32.81 -15.94
CA THR A 280 17.19 34.22 -16.20
C THR A 280 16.26 34.37 -17.38
N LEU A 281 15.82 35.60 -17.61
CA LEU A 281 15.01 35.97 -18.76
C LEU A 281 15.74 37.04 -19.56
N ASP A 282 15.77 36.90 -20.87
CA ASP A 282 16.79 37.59 -21.67
C ASP A 282 16.21 38.25 -22.91
N ARG A 283 15.14 38.99 -22.76
CA ARG A 283 14.66 39.79 -23.87
C ARG A 283 14.64 41.27 -23.47
N SER A 284 14.04 42.09 -24.32
CA SER A 284 13.92 43.52 -24.04
C SER A 284 12.50 44.02 -24.14
N ASP B 11 10.12 37.99 21.55
CA ASP B 11 11.50 37.90 22.02
C ASP B 11 12.02 36.54 21.59
N ARG B 12 13.31 36.29 21.86
CA ARG B 12 14.01 35.19 21.22
C ARG B 12 14.26 34.00 22.13
N VAL B 13 14.17 34.17 23.42
CA VAL B 13 14.45 33.08 24.35
C VAL B 13 13.12 32.47 24.80
N ARG B 14 13.16 31.19 25.13
CA ARG B 14 11.98 30.47 25.53
C ARG B 14 12.42 29.27 26.34
N SER B 15 11.76 29.03 27.46
CA SER B 15 12.09 27.92 28.35
C SER B 15 10.91 27.00 28.46
N ILE B 16 11.13 25.71 28.27
CA ILE B 16 10.08 24.70 28.30
C ILE B 16 10.36 23.73 29.42
N THR B 17 9.39 23.55 30.30
CA THR B 17 9.53 22.67 31.45
C THR B 17 8.41 21.64 31.40
N LEU B 18 8.79 20.37 31.39
CA LEU B 18 7.81 19.28 31.39
C LEU B 18 8.34 18.18 32.28
N GLY B 19 7.60 17.86 33.32
CA GLY B 19 8.05 16.80 34.20
C GLY B 19 9.21 17.28 35.03
N ASN B 20 10.30 16.51 35.01
CA ASN B 20 11.50 16.86 35.77
C ASN B 20 12.63 17.28 34.85
N SER B 21 12.33 17.64 33.63
CA SER B 21 13.31 18.09 32.67
C SER B 21 12.97 19.49 32.20
N THR B 22 13.96 20.20 31.67
CA THR B 22 13.77 21.57 31.25
C THR B 22 14.65 21.85 30.05
N ILE B 23 14.05 22.30 28.96
CA ILE B 23 14.77 22.65 27.74
C ILE B 23 14.78 24.16 27.62
N THR B 24 15.96 24.75 27.58
CA THR B 24 16.11 26.18 27.36
C THR B 24 16.76 26.43 26.02
N THR B 25 16.55 27.63 25.50
CA THR B 25 17.19 28.03 24.26
C THR B 25 17.28 29.54 24.23
N GLN B 26 18.27 30.04 23.50
CA GLN B 26 18.51 31.46 23.43
C GLN B 26 18.34 32.04 22.04
N GLU B 27 18.32 31.23 21.00
CA GLU B 27 18.03 31.71 19.65
C GLU B 27 16.90 30.84 19.12
N CYS B 28 15.68 31.18 19.48
CA CYS B 28 14.51 30.42 19.07
C CYS B 28 13.66 31.28 18.15
N ALA B 29 13.00 30.65 17.19
CA ALA B 29 12.13 31.41 16.31
C ALA B 29 10.81 31.72 17.01
N ASN B 30 10.03 30.69 17.27
CA ASN B 30 8.76 30.74 17.98
C ASN B 30 8.36 29.31 18.23
N VAL B 31 7.16 29.11 18.74
CA VAL B 31 6.65 27.77 19.03
C VAL B 31 5.44 27.55 18.15
N VAL B 32 5.63 26.87 17.01
CA VAL B 32 4.49 26.48 16.20
C VAL B 32 3.74 25.36 16.92
N VAL B 33 2.42 25.46 16.95
CA VAL B 33 1.58 24.52 17.67
C VAL B 33 0.54 23.96 16.70
N GLY B 34 0.84 22.78 16.14
CA GLY B 34 -0.05 21.90 15.42
C GLY B 34 -0.95 22.51 14.39
N TYR B 35 -2.24 22.44 14.66
CA TYR B 35 -3.24 23.15 13.90
C TYR B 35 -3.95 24.12 14.82
N GLY B 36 -3.19 24.76 15.68
CA GLY B 36 -3.74 25.69 16.65
C GLY B 36 -4.31 25.04 17.88
N VAL B 37 -4.21 23.72 18.02
CA VAL B 37 -4.88 22.99 19.07
C VAL B 37 -3.82 22.47 20.05
N TRP B 38 -3.98 22.80 21.30
CA TRP B 38 -3.10 22.29 22.33
C TRP B 38 -3.49 20.85 22.67
N PRO B 39 -2.53 20.00 23.02
CA PRO B 39 -2.86 18.62 23.41
C PRO B 39 -3.56 18.58 24.75
N THR B 40 -4.72 17.95 24.79
CA THR B 40 -5.48 17.76 26.01
C THR B 40 -5.72 16.28 26.26
N TYR B 41 -6.48 15.97 27.29
CA TYR B 41 -6.93 14.61 27.52
C TYR B 41 -8.18 14.34 26.71
N LEU B 42 -8.64 13.10 26.75
CA LEU B 42 -9.83 12.72 26.02
C LEU B 42 -11.07 13.09 26.83
N SER B 43 -12.08 13.61 26.16
CA SER B 43 -13.28 14.05 26.85
C SER B 43 -14.26 12.90 27.03
N ASP B 44 -15.23 13.11 27.90
CA ASP B 44 -16.19 12.05 28.22
C ASP B 44 -17.18 11.83 27.10
N HIS B 45 -17.41 12.83 26.26
CA HIS B 45 -18.35 12.69 25.17
C HIS B 45 -17.68 12.27 23.87
N GLU B 46 -16.46 11.76 23.93
CA GLU B 46 -15.79 11.26 22.75
C GLU B 46 -15.23 9.87 22.91
N ALA B 47 -15.02 9.41 24.14
CA ALA B 47 -14.34 8.15 24.39
C ALA B 47 -15.22 6.97 24.03
N THR B 48 -14.58 5.84 23.80
CA THR B 48 -15.27 4.59 23.48
C THR B 48 -14.97 3.49 24.50
N ALA B 49 -13.70 3.28 24.82
CA ALA B 49 -13.33 2.27 25.78
C ALA B 49 -13.84 2.64 27.17
N VAL B 50 -14.43 1.67 27.85
CA VAL B 50 -15.19 1.99 29.06
C VAL B 50 -14.39 1.90 30.34
N ASP B 51 -13.22 1.29 30.33
CA ASP B 51 -12.48 1.14 31.57
C ASP B 51 -11.78 2.44 31.94
N GLN B 52 -11.39 2.54 33.20
CA GLN B 52 -10.75 3.74 33.69
C GLN B 52 -9.35 3.85 33.11
N PRO B 53 -9.03 4.93 32.41
CA PRO B 53 -7.70 5.04 31.83
C PRO B 53 -6.68 5.41 32.88
N THR B 54 -5.45 4.99 32.64
CA THR B 54 -4.35 5.39 33.48
C THR B 54 -3.73 6.66 32.92
N GLN B 55 -3.23 7.50 33.82
CA GLN B 55 -2.70 8.81 33.44
C GLN B 55 -1.51 9.13 34.31
N PRO B 56 -0.35 8.66 33.94
CA PRO B 56 0.88 9.05 34.64
C PRO B 56 1.36 10.39 34.11
N ASP B 57 1.23 11.43 34.93
CA ASP B 57 1.38 12.75 34.34
C ASP B 57 2.83 13.20 34.23
N VAL B 58 3.71 12.78 35.13
CA VAL B 58 5.10 13.20 35.06
C VAL B 58 6.04 12.04 34.80
N ALA B 59 5.58 10.81 34.92
CA ALA B 59 6.44 9.69 34.64
C ALA B 59 6.64 9.46 33.16
N THR B 60 5.73 9.96 32.33
CA THR B 60 5.80 9.74 30.89
C THR B 60 5.77 11.01 30.08
N CYS B 61 5.35 12.14 30.64
CA CYS B 61 5.32 13.40 29.90
C CYS B 61 6.55 14.21 30.30
N ARG B 62 7.67 13.87 29.69
CA ARG B 62 8.94 14.53 29.95
C ARG B 62 9.81 14.39 28.72
N PHE B 63 10.92 15.12 28.69
CA PHE B 63 11.72 15.23 27.48
C PHE B 63 12.67 14.06 27.37
N TYR B 64 12.45 13.20 26.37
CA TYR B 64 13.39 12.15 26.02
C TYR B 64 14.24 12.61 24.85
N THR B 65 15.53 12.33 24.93
CA THR B 65 16.50 12.80 23.95
C THR B 65 17.01 11.61 23.14
N LEU B 66 16.78 11.63 21.83
CA LEU B 66 17.23 10.57 20.97
C LEU B 66 18.71 10.71 20.65
N GLU B 67 19.21 9.84 19.78
CA GLU B 67 20.61 9.90 19.41
C GLU B 67 20.86 11.02 18.41
N SER B 68 22.10 11.48 18.37
CA SER B 68 22.46 12.60 17.53
C SER B 68 22.92 12.11 16.16
N VAL B 69 22.68 12.93 15.14
CA VAL B 69 23.09 12.60 13.79
C VAL B 69 24.07 13.65 13.29
N LYS B 70 24.92 13.22 12.37
CA LYS B 70 25.97 14.07 11.83
C LYS B 70 25.48 14.70 10.54
N TRP B 71 25.44 16.02 10.51
CA TRP B 71 25.09 16.76 9.30
C TRP B 71 26.35 16.98 8.49
N GLU B 72 26.35 16.51 7.25
CA GLU B 72 27.45 16.71 6.34
C GLU B 72 26.97 17.53 5.15
N SER B 73 27.91 17.91 4.28
CA SER B 73 27.54 18.70 3.13
C SER B 73 26.86 17.89 2.04
N SER B 74 26.83 16.57 2.18
CA SER B 74 26.17 15.70 1.22
C SER B 74 25.01 14.96 1.83
N SER B 75 24.58 15.34 3.03
CA SER B 75 23.50 14.64 3.71
C SER B 75 22.18 14.94 3.03
N ALA B 76 21.34 13.93 2.91
CA ALA B 76 20.08 14.12 2.24
C ALA B 76 18.95 14.43 3.19
N GLY B 77 18.93 13.81 4.35
CA GLY B 77 17.87 14.03 5.32
C GLY B 77 17.67 12.81 6.18
N TRP B 78 16.80 12.96 7.17
CA TRP B 78 16.54 11.92 8.14
C TRP B 78 15.05 11.87 8.43
N TRP B 79 14.60 10.74 8.98
CA TRP B 79 13.23 10.67 9.45
C TRP B 79 13.13 9.73 10.64
N TRP B 80 12.25 10.07 11.56
CA TRP B 80 11.87 9.24 12.69
C TRP B 80 10.37 9.05 12.65
N LYS B 81 9.90 7.89 13.09
CA LYS B 81 8.48 7.58 13.09
C LYS B 81 7.99 7.39 14.51
N PHE B 82 6.92 8.08 14.86
CA PHE B 82 6.39 8.09 16.20
C PHE B 82 5.04 7.42 16.25
N PRO B 83 4.65 6.83 17.40
CA PRO B 83 5.26 6.68 18.71
C PRO B 83 6.30 5.60 18.78
N GLU B 84 6.67 5.04 17.64
CA GLU B 84 7.58 3.92 17.64
C GLU B 84 9.01 4.34 17.93
N ALA B 85 9.32 5.63 17.83
CA ALA B 85 10.67 6.08 18.12
C ALA B 85 10.97 6.14 19.61
N LEU B 86 9.95 6.14 20.47
CA LEU B 86 10.15 6.21 21.91
C LEU B 86 9.77 4.90 22.58
N SER B 87 9.99 3.78 21.90
CA SER B 87 9.49 2.50 22.38
C SER B 87 10.29 1.93 23.53
N ASP B 88 11.40 2.54 23.90
CA ASP B 88 12.18 2.06 25.03
C ASP B 88 12.67 3.19 25.92
N MET B 89 12.23 4.41 25.68
CA MET B 89 12.61 5.54 26.51
C MET B 89 11.75 5.53 27.76
N GLY B 90 12.17 4.73 28.73
CA GLY B 90 11.62 4.83 30.07
C GLY B 90 10.22 4.29 30.23
N LEU B 91 9.43 4.94 31.08
CA LEU B 91 8.10 4.46 31.35
C LEU B 91 7.12 4.73 30.23
N PHE B 92 7.48 5.57 29.25
CA PHE B 92 6.69 5.63 28.04
C PHE B 92 6.81 4.35 27.25
N GLY B 93 7.96 3.70 27.32
CA GLY B 93 8.11 2.43 26.65
C GLY B 93 7.39 1.31 27.38
N GLN B 94 7.43 1.34 28.71
CA GLN B 94 6.80 0.27 29.47
C GLN B 94 5.29 0.36 29.43
N ASN B 95 4.75 1.56 29.40
CA ASN B 95 3.30 1.69 29.28
C ASN B 95 2.79 1.34 27.90
N MET B 96 3.64 1.39 26.89
CA MET B 96 3.22 0.97 25.56
C MET B 96 3.09 -0.53 25.46
N GLN B 97 3.84 -1.27 26.28
CA GLN B 97 3.85 -2.71 26.16
C GLN B 97 2.72 -3.34 26.95
N TYR B 98 2.39 -2.79 28.10
CA TYR B 98 1.38 -3.38 28.96
C TYR B 98 -0.01 -2.88 28.66
N HIS B 99 -0.18 -2.09 27.61
CA HIS B 99 -1.48 -1.51 27.31
C HIS B 99 -1.82 -1.74 25.85
N TYR B 100 -3.11 -1.94 25.60
CA TYR B 100 -3.57 -2.16 24.24
C TYR B 100 -3.80 -0.86 23.50
N LEU B 101 -4.33 0.15 24.19
CA LEU B 101 -4.63 1.43 23.58
C LEU B 101 -3.76 2.52 24.18
N GLY B 102 -3.58 3.58 23.42
CA GLY B 102 -2.82 4.71 23.90
C GLY B 102 -3.20 5.95 23.14
N ARG B 103 -2.89 7.10 23.73
CA ARG B 103 -3.28 8.38 23.15
C ARG B 103 -2.35 9.44 23.70
N THR B 104 -1.70 10.21 22.82
CA THR B 104 -0.76 11.21 23.30
C THR B 104 -0.57 12.31 22.28
N GLY B 105 -0.11 13.46 22.76
CA GLY B 105 0.42 14.51 21.94
C GLY B 105 1.88 14.70 22.29
N TYR B 106 2.58 15.50 21.50
CA TYR B 106 4.02 15.57 21.61
C TYR B 106 4.50 17.01 21.69
N THR B 107 5.81 17.15 21.88
CA THR B 107 6.48 18.45 21.84
C THR B 107 7.87 18.22 21.29
N ILE B 108 8.03 18.39 19.99
CA ILE B 108 9.26 18.02 19.30
C ILE B 108 10.16 19.24 19.28
N HIS B 109 11.33 19.12 19.88
CA HIS B 109 12.30 20.22 19.95
C HIS B 109 13.59 19.75 19.31
N VAL B 110 13.84 20.17 18.08
CA VAL B 110 15.06 19.85 17.35
C VAL B 110 16.04 20.99 17.58
N GLN B 111 17.32 20.67 17.66
CA GLN B 111 18.31 21.68 18.00
C GLN B 111 19.61 21.42 17.27
N CYS B 112 20.18 22.49 16.73
CA CYS B 112 21.41 22.39 15.95
C CYS B 112 22.07 23.76 15.94
N ASN B 113 23.19 23.89 16.62
CA ASN B 113 23.96 25.13 16.62
C ASN B 113 25.20 24.93 15.78
N ALA B 114 25.54 25.91 14.96
CA ALA B 114 26.81 25.84 14.26
C ALA B 114 27.74 26.99 14.61
N SER B 115 27.42 28.21 14.16
CA SER B 115 28.30 29.38 14.25
C SER B 115 27.63 30.56 13.59
N LYS B 116 28.32 31.69 13.55
CA LYS B 116 27.99 32.74 12.62
C LYS B 116 28.78 32.62 11.33
N PHE B 117 29.59 31.59 11.18
CA PHE B 117 30.39 31.41 9.98
C PHE B 117 29.99 30.20 9.17
N HIS B 118 29.07 29.39 9.66
CA HIS B 118 28.51 28.31 8.88
C HIS B 118 27.25 28.78 8.16
N GLN B 119 26.81 28.02 7.18
CA GLN B 119 25.57 28.33 6.51
C GLN B 119 24.83 27.05 6.18
N GLY B 120 23.51 27.14 6.14
CA GLY B 120 22.69 25.98 5.91
C GLY B 120 21.28 26.22 6.39
N CYS B 121 20.39 25.33 5.99
CA CYS B 121 18.98 25.50 6.31
C CYS B 121 18.32 24.14 6.40
N LEU B 122 17.63 23.89 7.50
CA LEU B 122 16.91 22.65 7.71
C LEU B 122 15.42 22.93 7.60
N LEU B 123 14.66 21.90 7.26
CA LEU B 123 13.21 21.96 7.28
C LEU B 123 12.72 20.83 8.18
N VAL B 124 12.04 21.20 9.25
CA VAL B 124 11.58 20.26 10.26
C VAL B 124 10.07 20.12 10.13
N VAL B 125 9.58 18.96 9.67
CA VAL B 125 8.16 18.75 9.43
C VAL B 125 7.69 17.59 10.27
N CYS B 126 6.48 17.68 10.82
CA CYS B 126 5.78 16.54 11.41
C CYS B 126 4.62 16.18 10.49
N VAL B 127 4.79 15.11 9.71
CA VAL B 127 3.80 14.69 8.73
C VAL B 127 2.90 13.66 9.39
N PRO B 128 1.61 13.93 9.56
CA PRO B 128 0.70 12.92 10.11
C PRO B 128 0.43 11.84 9.09
N GLU B 129 0.77 10.60 9.44
CA GLU B 129 0.56 9.39 8.65
C GLU B 129 1.24 9.51 7.29
N ALA B 130 2.55 9.61 7.34
CA ALA B 130 3.38 9.65 6.14
C ALA B 130 3.54 8.22 5.64
N GLU B 131 2.53 7.77 4.91
CA GLU B 131 2.57 6.43 4.34
C GLU B 131 3.60 6.37 3.22
N MET B 132 4.68 5.63 3.42
CA MET B 132 5.78 5.66 2.48
C MET B 132 5.64 4.59 1.42
N GLY B 133 6.10 4.92 0.22
CA GLY B 133 6.12 3.97 -0.87
C GLY B 133 7.28 3.02 -0.74
N ALA B 134 7.35 2.09 -1.69
CA ALA B 134 8.36 1.04 -1.63
C ALA B 134 9.53 1.37 -2.54
N ALA B 135 10.69 0.81 -2.20
CA ALA B 135 11.91 1.11 -2.95
C ALA B 135 11.85 0.50 -4.34
N THR B 136 11.81 -0.82 -4.41
CA THR B 136 11.32 -1.46 -5.61
C THR B 136 9.83 -1.64 -5.44
N THR B 137 9.09 -1.47 -6.52
CA THR B 137 7.66 -1.71 -6.47
C THR B 137 7.40 -3.21 -6.48
N ASP B 138 6.12 -3.57 -6.55
CA ASP B 138 5.57 -4.93 -6.47
C ASP B 138 6.22 -5.82 -5.41
N HIS B 139 6.57 -5.24 -4.27
CA HIS B 139 7.27 -5.98 -3.22
C HIS B 139 7.06 -5.22 -1.91
N ALA B 140 6.40 -5.85 -0.94
CA ALA B 140 6.29 -5.19 0.34
C ALA B 140 7.59 -5.34 1.12
N PHE B 141 7.82 -4.43 2.05
CA PHE B 141 9.11 -4.34 2.70
C PHE B 141 9.03 -4.73 4.16
N ASN B 142 10.22 -4.84 4.75
CA ASN B 142 10.38 -5.15 6.16
C ASN B 142 9.95 -3.96 7.00
N HIS B 143 9.59 -4.25 8.25
CA HIS B 143 9.25 -3.16 9.15
C HIS B 143 10.49 -2.53 9.75
N THR B 144 11.61 -3.25 9.77
CA THR B 144 12.82 -2.71 10.36
C THR B 144 13.57 -1.80 9.42
N LYS B 145 13.15 -1.70 8.17
CA LYS B 145 13.70 -0.70 7.26
C LYS B 145 12.86 0.56 7.24
N LEU B 146 11.63 0.49 7.73
CA LEU B 146 10.85 1.71 7.90
C LEU B 146 11.34 2.48 9.10
N SER B 147 11.44 1.82 10.25
CA SER B 147 11.92 2.47 11.46
C SER B 147 12.42 1.42 12.44
N ASN B 148 13.66 1.56 12.88
CA ASN B 148 14.13 0.90 14.09
C ASN B 148 13.60 1.63 15.31
N ILE B 149 14.07 1.23 16.48
CA ILE B 149 13.48 1.72 17.71
C ILE B 149 13.92 3.16 17.98
N GLY B 150 15.18 3.48 17.76
CA GLY B 150 15.60 4.84 17.98
C GLY B 150 16.56 5.34 16.92
N GLN B 151 16.89 4.47 15.98
CA GLN B 151 17.84 4.83 14.95
C GLN B 151 17.18 5.76 13.95
N ALA B 152 17.86 6.86 13.66
CA ALA B 152 17.38 7.84 12.69
C ALA B 152 17.47 7.24 11.30
N MET B 153 16.34 6.83 10.76
CA MET B 153 16.31 6.37 9.38
C MET B 153 16.52 7.55 8.46
N GLU B 154 17.32 7.37 7.42
CA GLU B 154 17.78 8.49 6.63
C GLU B 154 17.43 8.33 5.16
N PHE B 155 17.36 9.46 4.48
CA PHE B 155 17.03 9.49 3.06
C PHE B 155 18.27 9.22 2.23
N SER B 156 18.17 9.50 0.94
CA SER B 156 19.30 9.35 0.04
C SER B 156 19.17 10.39 -1.06
N ALA B 157 20.28 10.69 -1.71
CA ALA B 157 20.26 11.68 -2.76
C ALA B 157 19.59 11.13 -4.01
N LYS B 158 20.13 10.05 -4.54
CA LYS B 158 19.60 9.40 -5.72
C LYS B 158 18.48 8.45 -5.31
N LYS B 159 17.99 7.65 -6.26
CA LYS B 159 16.95 6.70 -5.95
C LYS B 159 17.54 5.50 -5.21
N SER B 160 16.65 4.73 -4.59
CA SER B 160 17.05 3.55 -3.84
C SER B 160 16.56 2.30 -4.56
N THR B 161 17.46 1.33 -4.73
CA THR B 161 17.13 0.08 -5.41
C THR B 161 17.14 -1.08 -4.43
N ASP B 162 16.76 -0.85 -3.20
CA ASP B 162 16.70 -1.90 -2.20
C ASP B 162 15.52 -2.81 -2.48
N GLN B 163 15.70 -4.11 -2.19
CA GLN B 163 14.62 -5.05 -2.48
C GLN B 163 13.54 -5.00 -1.41
N THR B 164 13.88 -4.65 -0.19
CA THR B 164 12.97 -4.79 0.92
C THR B 164 13.02 -3.52 1.77
N GLY B 165 12.90 -2.36 1.12
CA GLY B 165 12.96 -1.11 1.83
C GLY B 165 12.02 -0.08 1.24
N PRO B 166 12.03 1.14 1.76
CA PRO B 166 11.25 2.21 1.17
C PRO B 166 12.08 3.02 0.18
N GLN B 167 11.36 3.80 -0.63
CA GLN B 167 12.02 4.63 -1.63
C GLN B 167 12.52 5.90 -0.95
N THR B 168 13.83 6.06 -0.87
CA THR B 168 14.42 7.12 -0.09
C THR B 168 15.05 8.21 -0.97
N ALA B 169 14.42 8.53 -2.09
CA ALA B 169 14.84 9.68 -2.87
C ALA B 169 14.26 10.91 -2.22
N VAL B 170 15.13 11.82 -1.78
CA VAL B 170 14.69 12.91 -0.93
C VAL B 170 13.89 13.96 -1.68
N HIS B 171 14.02 14.05 -2.99
CA HIS B 171 13.25 15.06 -3.70
C HIS B 171 11.83 14.62 -3.96
N ASN B 172 11.48 13.40 -3.61
CA ASN B 172 10.09 12.96 -3.62
C ASN B 172 9.57 12.61 -2.24
N ALA B 173 10.42 12.68 -1.21
CA ALA B 173 10.07 12.60 0.20
C ALA B 173 9.43 11.29 0.60
N GLY B 174 9.67 10.22 -0.15
CA GLY B 174 9.16 8.91 0.21
C GLY B 174 7.68 8.69 -0.01
N MET B 175 6.90 9.73 -0.31
CA MET B 175 5.46 9.60 -0.46
C MET B 175 5.00 9.88 -1.88
N GLY B 176 5.91 9.99 -2.83
CA GLY B 176 5.52 10.29 -4.19
C GLY B 176 5.01 11.70 -4.37
N VAL B 177 5.47 12.62 -3.54
CA VAL B 177 4.93 13.97 -3.51
C VAL B 177 6.10 14.93 -3.69
N ALA B 178 5.81 16.14 -4.14
CA ALA B 178 6.85 17.14 -4.29
C ALA B 178 7.31 17.61 -2.91
N VAL B 179 8.62 17.57 -2.68
CA VAL B 179 9.16 17.86 -1.36
C VAL B 179 9.04 19.33 -1.01
N GLY B 180 8.80 20.18 -2.00
CA GLY B 180 8.58 21.58 -1.70
C GLY B 180 7.24 21.87 -1.08
N ASN B 181 6.28 20.97 -1.22
CA ASN B 181 4.93 21.20 -0.74
C ASN B 181 4.69 20.62 0.63
N LEU B 182 5.75 20.34 1.38
CA LEU B 182 5.61 19.75 2.70
C LEU B 182 5.38 20.79 3.78
N THR B 183 4.87 21.96 3.43
CA THR B 183 4.74 23.03 4.39
C THR B 183 3.33 23.18 4.94
N ILE B 184 2.33 22.49 4.37
CA ILE B 184 1.02 22.48 5.00
C ILE B 184 0.97 21.62 6.22
N PHE B 185 1.87 20.66 6.35
CA PHE B 185 2.03 20.02 7.63
C PHE B 185 2.72 20.99 8.57
N PRO B 186 2.51 20.86 9.88
CA PRO B 186 3.11 21.82 10.82
C PRO B 186 4.62 21.73 10.82
N HIS B 187 5.26 22.87 10.60
CA HIS B 187 6.67 22.86 10.26
C HIS B 187 7.36 24.13 10.74
N GLN B 188 8.67 24.04 10.87
CA GLN B 188 9.52 25.19 11.11
C GLN B 188 10.81 24.98 10.36
N TRP B 189 11.63 26.02 10.30
CA TRP B 189 12.92 25.97 9.63
C TRP B 189 14.02 26.27 10.63
N ILE B 190 15.14 25.57 10.50
CA ILE B 190 16.32 25.92 11.28
C ILE B 190 17.32 26.56 10.36
N ASN B 191 17.30 27.87 10.29
CA ASN B 191 18.26 28.60 9.47
C ASN B 191 19.47 28.93 10.33
N LEU B 192 20.64 28.50 9.90
CA LEU B 192 21.84 28.74 10.68
C LEU B 192 22.23 30.20 10.71
N ARG B 193 21.68 31.02 9.81
CA ARG B 193 21.90 32.45 9.87
C ARG B 193 21.23 33.05 11.10
N THR B 194 19.98 32.69 11.35
CA THR B 194 19.21 33.26 12.44
C THR B 194 18.90 32.22 13.53
N ASN B 195 18.25 31.14 13.17
CA ASN B 195 17.66 30.24 14.14
C ASN B 195 18.73 29.33 14.74
N ASN B 196 18.35 28.67 15.78
CA ASN B 196 19.18 27.63 16.38
C ASN B 196 18.40 26.38 16.67
N SER B 197 17.13 26.49 17.04
CA SER B 197 16.31 25.35 17.35
C SER B 197 14.93 25.53 16.72
N ALA B 198 14.16 24.46 16.72
CA ALA B 198 12.81 24.48 16.19
C ALA B 198 11.92 23.65 17.08
N THR B 199 10.85 24.24 17.58
CA THR B 199 9.95 23.58 18.51
C THR B 199 8.54 23.53 17.95
N ILE B 200 8.00 22.32 17.83
CA ILE B 200 6.67 22.08 17.30
C ILE B 200 5.88 21.32 18.34
N VAL B 201 4.64 21.73 18.58
CA VAL B 201 3.73 21.02 19.47
C VAL B 201 2.66 20.37 18.61
N MET B 202 2.58 19.06 18.66
CA MET B 202 1.65 18.34 17.82
C MET B 202 0.57 17.70 18.65
N PRO B 203 -0.70 17.95 18.37
CA PRO B 203 -1.77 17.31 19.12
C PRO B 203 -2.01 15.90 18.59
N TYR B 204 -2.93 15.20 19.22
CA TYR B 204 -3.25 13.84 18.80
C TYR B 204 -4.13 13.90 17.55
N ILE B 205 -3.62 13.39 16.44
CA ILE B 205 -4.31 13.44 15.16
C ILE B 205 -4.55 12.02 14.71
N ASN B 206 -5.78 11.56 14.78
CA ASN B 206 -6.17 10.23 14.31
C ASN B 206 -7.66 10.22 14.11
N SER B 207 -8.12 9.28 13.28
CA SER B 207 -9.54 9.15 13.04
C SER B 207 -10.26 8.45 14.18
N VAL B 208 -9.55 7.67 14.98
CA VAL B 208 -10.15 6.94 16.09
C VAL B 208 -9.68 7.70 17.33
N PRO B 209 -10.46 7.79 18.41
CA PRO B 209 -10.00 8.58 19.57
C PRO B 209 -8.78 8.01 20.27
N MET B 210 -8.64 6.70 20.34
CA MET B 210 -7.43 6.08 20.85
C MET B 210 -6.97 5.04 19.85
N ASP B 211 -5.72 4.65 19.93
CA ASP B 211 -5.22 3.68 18.97
C ASP B 211 -4.10 2.87 19.58
N ASN B 212 -3.90 1.68 19.04
CA ASN B 212 -2.79 0.84 19.48
C ASN B 212 -1.49 1.44 18.99
N MET B 213 -0.46 1.37 19.83
CA MET B 213 0.75 2.11 19.60
C MET B 213 1.85 1.29 18.95
N TYR B 214 1.54 0.09 18.50
CA TYR B 214 2.57 -0.70 17.84
C TYR B 214 2.28 -0.98 16.39
N ARG B 215 1.02 -1.19 16.05
CA ARG B 215 0.67 -1.48 14.67
C ARG B 215 0.58 -0.24 13.80
N HIS B 216 0.72 0.96 14.37
CA HIS B 216 0.34 2.18 13.66
C HIS B 216 1.27 3.31 14.05
N TYR B 217 2.00 3.85 13.09
CA TYR B 217 2.82 5.04 13.32
C TYR B 217 1.95 6.26 13.15
N ASN B 218 1.89 7.10 14.18
CA ASN B 218 0.94 8.20 14.17
C ASN B 218 1.40 9.33 13.27
N PHE B 219 2.67 9.73 13.39
CA PHE B 219 3.20 10.75 12.50
C PHE B 219 4.69 10.51 12.34
N THR B 220 5.25 11.15 11.31
CA THR B 220 6.66 11.03 10.99
C THR B 220 7.31 12.39 11.06
N LEU B 221 8.38 12.50 11.84
CA LEU B 221 9.20 13.69 11.87
C LEU B 221 10.24 13.60 10.78
N MET B 222 10.31 14.62 9.92
CA MET B 222 11.33 14.67 8.88
C MET B 222 12.18 15.90 9.06
N VAL B 223 13.48 15.76 8.83
CA VAL B 223 14.42 16.87 8.86
C VAL B 223 15.19 16.83 7.56
N ILE B 224 14.95 17.79 6.68
CA ILE B 224 15.50 17.80 5.34
C ILE B 224 16.32 19.06 5.15
N PRO B 225 17.61 18.97 4.83
CA PRO B 225 18.39 20.16 4.53
C PRO B 225 18.10 20.66 3.13
N PHE B 226 17.62 21.90 3.03
CA PHE B 226 17.35 22.49 1.73
C PHE B 226 18.61 23.19 1.19
N ALA B 227 19.09 24.19 1.91
CA ALA B 227 20.36 24.80 1.59
C ALA B 227 21.45 24.01 2.30
N LYS B 228 22.40 23.49 1.54
CA LYS B 228 23.34 22.53 2.09
C LYS B 228 24.34 23.22 3.00
N LEU B 229 24.95 22.42 3.87
CA LEU B 229 25.88 22.92 4.87
C LEU B 229 27.20 23.26 4.21
N GLU B 230 27.61 24.51 4.32
CA GLU B 230 28.90 24.93 3.80
C GLU B 230 29.64 25.69 4.89
N HIS B 231 30.96 25.54 4.90
CA HIS B 231 31.81 26.27 5.82
C HIS B 231 33.22 26.28 5.23
N SER B 232 34.10 27.00 5.91
CA SER B 232 35.51 26.94 5.57
C SER B 232 36.06 25.57 5.99
N PRO B 233 37.15 25.12 5.36
CA PRO B 233 37.77 23.89 5.82
C PRO B 233 38.42 24.00 7.18
N GLN B 234 38.69 25.21 7.66
CA GLN B 234 39.31 25.39 8.96
C GLN B 234 38.32 25.52 10.09
N ALA B 235 37.03 25.48 9.82
CA ALA B 235 36.04 25.67 10.87
C ALA B 235 35.76 24.33 11.56
N SER B 236 34.75 24.32 12.42
CA SER B 236 34.35 23.09 13.11
C SER B 236 33.66 22.19 12.11
N THR B 237 34.24 21.03 11.83
CA THR B 237 33.75 20.19 10.75
C THR B 237 32.50 19.42 11.13
N TYR B 238 32.30 19.15 12.41
CA TYR B 238 31.26 18.25 12.87
C TYR B 238 30.18 19.05 13.58
N VAL B 239 29.03 19.19 12.96
CA VAL B 239 27.86 19.80 13.57
C VAL B 239 26.79 18.73 13.73
N PRO B 240 26.32 18.49 14.93
CA PRO B 240 25.30 17.46 15.11
C PRO B 240 23.89 18.02 15.13
N ILE B 241 22.91 17.16 14.96
CA ILE B 241 21.50 17.52 15.12
C ILE B 241 20.94 16.62 16.20
N THR B 242 20.22 17.20 17.14
CA THR B 242 19.68 16.44 18.26
C THR B 242 18.19 16.67 18.36
N VAL B 243 17.43 15.60 18.56
CA VAL B 243 15.99 15.64 18.66
C VAL B 243 15.60 15.32 20.08
N THR B 244 14.67 16.09 20.63
CA THR B 244 14.26 15.91 22.02
C THR B 244 12.73 15.91 22.06
N VAL B 245 12.13 14.75 22.16
CA VAL B 245 10.69 14.57 22.06
C VAL B 245 10.12 14.37 23.45
N ALA B 246 8.98 15.01 23.71
CA ALA B 246 8.31 14.86 25.00
C ALA B 246 6.85 14.55 24.77
N PRO B 247 6.32 13.45 25.26
CA PRO B 247 4.88 13.19 25.18
C PRO B 247 4.12 14.18 26.03
N MET B 248 2.85 14.40 25.67
CA MET B 248 2.04 15.37 26.38
C MET B 248 0.64 14.82 26.51
N CYS B 249 0.14 14.80 27.76
CA CYS B 249 -1.21 14.34 28.11
C CYS B 249 -1.43 12.90 27.66
N ALA B 250 -0.49 12.04 27.99
CA ALA B 250 -0.57 10.65 27.59
C ALA B 250 -1.54 9.90 28.49
N GLU B 251 -2.30 9.00 27.89
CA GLU B 251 -3.19 8.13 28.65
C GLU B 251 -3.40 6.84 27.88
N TYR B 252 -3.73 5.78 28.61
CA TYR B 252 -3.71 4.44 28.06
C TYR B 252 -4.94 3.69 28.52
N ASN B 253 -5.28 2.64 27.78
CA ASN B 253 -6.40 1.79 28.13
C ASN B 253 -6.08 0.37 27.72
N GLY B 254 -6.92 -0.54 28.17
CA GLY B 254 -6.77 -1.93 27.81
C GLY B 254 -5.52 -2.58 28.36
N LEU B 255 -5.45 -2.72 29.68
CA LEU B 255 -4.27 -3.30 30.31
C LEU B 255 -4.26 -4.81 30.14
N ARG B 256 -3.14 -5.35 29.72
CA ARG B 256 -2.99 -6.80 29.59
C ARG B 256 -1.52 -7.14 29.83
N LEU B 257 -1.12 -8.37 29.50
CA LEU B 257 0.26 -8.81 29.65
C LEU B 257 1.18 -8.04 28.71
N ALA B 258 2.47 -8.26 28.88
CA ALA B 258 3.47 -7.53 28.12
C ALA B 258 3.44 -7.95 26.66
N GLY B 259 3.45 -6.97 25.77
CA GLY B 259 3.33 -7.21 24.34
C GLY B 259 4.59 -7.79 23.72
N HIS B 260 4.73 -7.62 22.41
CA HIS B 260 3.82 -6.86 21.57
C HIS B 260 3.52 -7.64 20.31
N GLN B 261 3.22 -8.93 20.46
CA GLN B 261 2.92 -9.77 19.33
C GLN B 261 1.42 -9.87 19.13
N GLY C 1 -54.41 10.42 -12.54
CA GLY C 1 -53.87 11.17 -11.41
C GLY C 1 -53.60 12.61 -11.78
N LEU C 2 -52.46 13.11 -11.34
CA LEU C 2 -52.09 14.48 -11.68
C LEU C 2 -51.61 14.53 -13.12
N PRO C 3 -52.11 15.43 -13.93
CA PRO C 3 -51.66 15.50 -15.32
C PRO C 3 -50.36 16.25 -15.43
N THR C 4 -49.29 15.52 -15.74
CA THR C 4 -47.96 16.08 -15.87
C THR C 4 -47.55 16.16 -17.34
N MET C 5 -46.32 16.55 -17.57
CA MET C 5 -45.78 16.74 -18.92
C MET C 5 -44.27 16.73 -18.81
N ASN C 6 -43.61 15.75 -19.39
CA ASN C 6 -42.17 15.61 -19.22
C ASN C 6 -41.44 16.63 -20.07
N THR C 7 -40.74 17.54 -19.40
CA THR C 7 -39.96 18.57 -20.06
C THR C 7 -38.72 17.95 -20.70
N PRO C 8 -38.11 18.64 -21.66
CA PRO C 8 -36.80 18.20 -22.16
C PRO C 8 -35.76 18.18 -21.06
N GLY C 9 -34.98 17.11 -21.01
CA GLY C 9 -34.03 16.89 -19.95
C GLY C 9 -34.40 15.79 -19.00
N SER C 10 -35.44 15.04 -19.29
CA SER C 10 -35.80 13.91 -18.45
C SER C 10 -34.97 12.70 -18.83
N THR C 11 -34.78 11.82 -17.84
CA THR C 11 -34.04 10.56 -17.97
C THR C 11 -32.62 10.77 -18.48
N GLN C 12 -32.01 11.88 -18.08
CA GLN C 12 -30.63 12.15 -18.43
C GLN C 12 -29.77 12.05 -17.19
N PHE C 13 -28.47 11.93 -17.40
CA PHE C 13 -27.52 11.86 -16.30
C PHE C 13 -26.51 12.98 -16.52
N LEU C 14 -26.82 14.14 -15.97
CA LEU C 14 -25.85 15.22 -15.87
C LEU C 14 -25.01 14.96 -14.65
N THR C 15 -23.70 14.80 -14.82
CA THR C 15 -22.88 14.30 -13.73
C THR C 15 -22.67 15.32 -12.61
N SER C 16 -23.07 16.56 -12.79
CA SER C 16 -22.91 17.57 -11.75
C SER C 16 -24.26 18.12 -11.31
N ASP C 17 -25.25 17.25 -11.17
CA ASP C 17 -26.58 17.70 -10.76
C ASP C 17 -26.65 17.79 -9.25
N ASP C 18 -27.86 17.97 -8.72
CA ASP C 18 -28.07 18.03 -7.28
C ASP C 18 -29.48 17.51 -7.02
N PHE C 19 -29.60 16.21 -6.78
CA PHE C 19 -30.89 15.58 -6.65
C PHE C 19 -30.90 14.70 -5.41
N GLN C 20 -32.10 14.37 -4.97
CA GLN C 20 -32.25 13.36 -3.94
C GLN C 20 -32.38 11.99 -4.57
N SER C 21 -32.28 10.96 -3.74
CA SER C 21 -32.29 9.58 -4.20
C SER C 21 -32.61 8.71 -3.01
N PRO C 22 -33.28 7.58 -3.19
CA PRO C 22 -33.59 6.73 -2.05
C PRO C 22 -32.34 6.07 -1.50
N SER C 23 -32.23 6.07 -0.18
CA SER C 23 -31.08 5.44 0.47
C SER C 23 -31.16 3.93 0.30
N ALA C 24 -30.00 3.30 0.19
CA ALA C 24 -29.98 1.85 0.06
C ALA C 24 -30.11 1.17 1.39
N MET C 25 -29.47 1.68 2.43
CA MET C 25 -29.57 1.12 3.76
C MET C 25 -30.35 2.08 4.64
N PRO C 26 -31.65 1.88 4.83
CA PRO C 26 -32.44 2.87 5.54
C PRO C 26 -32.24 2.77 7.04
N GLN C 27 -32.29 3.94 7.68
CA GLN C 27 -32.11 4.11 9.12
C GLN C 27 -30.78 3.53 9.60
N PHE C 28 -29.71 3.94 8.93
CA PHE C 28 -28.38 3.56 9.34
C PHE C 28 -27.90 4.49 10.43
N ASP C 29 -27.35 3.93 11.50
CA ASP C 29 -26.84 4.71 12.63
C ASP C 29 -25.35 4.96 12.41
N VAL C 30 -25.01 6.18 12.00
CA VAL C 30 -23.61 6.50 11.73
C VAL C 30 -22.87 6.70 13.04
N THR C 31 -21.56 6.64 12.97
CA THR C 31 -20.77 6.85 14.17
C THR C 31 -20.66 8.34 14.43
N PRO C 32 -20.57 8.74 15.70
CA PRO C 32 -20.49 10.17 16.01
C PRO C 32 -19.16 10.76 15.59
N GLU C 33 -19.23 11.95 15.01
CA GLU C 33 -17.99 12.64 14.66
C GLU C 33 -17.35 13.21 15.91
N ILE C 34 -16.03 13.34 15.86
CA ILE C 34 -15.28 13.85 17.00
C ILE C 34 -14.51 15.08 16.57
N GLN C 35 -13.72 15.65 17.48
CA GLN C 35 -12.99 16.88 17.21
C GLN C 35 -11.60 16.50 16.69
N ILE C 36 -11.54 16.17 15.41
CA ILE C 36 -10.25 15.95 14.77
C ILE C 36 -9.65 17.29 14.40
N PRO C 37 -8.43 17.59 14.81
CA PRO C 37 -7.86 18.91 14.55
C PRO C 37 -7.44 19.08 13.11
N GLY C 38 -7.68 20.26 12.57
CA GLY C 38 -7.21 20.59 11.25
C GLY C 38 -8.23 20.42 10.16
N GLN C 39 -9.42 20.97 10.34
CA GLN C 39 -10.48 20.82 9.36
C GLN C 39 -10.30 21.80 8.21
N VAL C 40 -10.58 21.34 7.00
CA VAL C 40 -10.58 22.19 5.82
C VAL C 40 -12.03 22.41 5.41
N ARG C 41 -12.41 23.67 5.26
CA ARG C 41 -13.73 24.01 4.76
C ARG C 41 -13.68 24.71 3.41
N ASN C 42 -12.49 24.98 2.89
CA ASN C 42 -12.35 25.67 1.62
C ASN C 42 -10.94 25.40 1.12
N LEU C 43 -10.81 25.16 -0.18
CA LEU C 43 -9.48 24.89 -0.73
C LEU C 43 -8.62 26.13 -0.80
N MET C 44 -9.20 27.31 -0.68
CA MET C 44 -8.39 28.51 -0.64
C MET C 44 -7.64 28.65 0.66
N GLU C 45 -8.04 27.93 1.71
CA GLU C 45 -7.24 27.92 2.93
C GLU C 45 -5.93 27.18 2.72
N ILE C 46 -5.92 26.20 1.83
CA ILE C 46 -4.67 25.52 1.49
C ILE C 46 -3.79 26.41 0.65
N ALA C 47 -4.38 27.17 -0.26
CA ALA C 47 -3.58 27.97 -1.19
C ALA C 47 -3.00 29.22 -0.55
N GLU C 48 -3.33 29.53 0.70
CA GLU C 48 -2.71 30.63 1.39
C GLU C 48 -1.50 30.22 2.20
N VAL C 49 -0.99 29.02 1.99
CA VAL C 49 0.15 28.49 2.70
C VAL C 49 1.33 28.48 1.75
N ASP C 50 2.48 28.96 2.22
CA ASP C 50 3.66 29.04 1.37
C ASP C 50 4.17 27.67 1.00
N SER C 51 4.83 27.59 -0.14
CA SER C 51 5.51 26.38 -0.55
C SER C 51 6.67 26.82 -1.42
N VAL C 52 7.81 26.14 -1.27
CA VAL C 52 9.05 26.67 -1.81
C VAL C 52 9.13 26.38 -3.31
N VAL C 53 9.47 27.41 -4.07
CA VAL C 53 9.35 27.43 -5.53
C VAL C 53 10.62 26.88 -6.18
N PRO C 54 10.52 25.91 -7.05
CA PRO C 54 11.71 25.39 -7.72
C PRO C 54 12.21 26.27 -8.85
N VAL C 55 12.92 27.34 -8.50
CA VAL C 55 13.33 28.31 -9.51
C VAL C 55 14.56 27.84 -10.28
N ASN C 56 15.35 26.95 -9.69
CA ASN C 56 16.60 26.50 -10.30
C ASN C 56 16.40 25.23 -11.08
N ASN C 57 15.29 25.09 -11.80
CA ASN C 57 14.92 23.84 -12.43
C ASN C 57 15.55 23.65 -13.80
N THR C 58 16.71 24.24 -14.05
CA THR C 58 17.44 23.97 -15.28
C THR C 58 18.05 22.59 -15.24
N GLU C 59 17.83 21.81 -16.30
CA GLU C 59 18.15 20.39 -16.28
C GLU C 59 19.66 20.15 -16.27
N GLY C 60 20.09 19.05 -15.63
CA GLY C 60 19.26 18.23 -14.78
C GLY C 60 19.39 18.61 -13.32
N HIS C 61 18.50 19.47 -12.87
CA HIS C 61 18.39 19.80 -11.46
C HIS C 61 17.04 19.45 -10.88
N VAL C 62 16.08 19.05 -11.71
CA VAL C 62 14.78 18.67 -11.20
C VAL C 62 14.84 17.30 -10.51
N ASN C 63 15.94 16.56 -10.67
CA ASN C 63 16.11 15.28 -10.01
C ASN C 63 16.99 15.38 -8.77
N SER C 64 16.97 16.51 -8.08
CA SER C 64 17.72 16.67 -6.85
C SER C 64 17.08 17.78 -6.05
N MET C 65 17.70 18.12 -4.93
CA MET C 65 17.27 19.27 -4.16
C MET C 65 17.82 20.56 -4.70
N GLU C 66 18.69 20.52 -5.71
CA GLU C 66 19.27 21.72 -6.28
C GLU C 66 18.27 22.53 -7.09
N ALA C 67 17.08 21.99 -7.36
CA ALA C 67 16.06 22.75 -8.05
C ALA C 67 15.53 23.90 -7.21
N TYR C 68 15.66 23.84 -5.89
CA TYR C 68 15.18 24.91 -5.05
C TYR C 68 16.24 25.94 -4.71
N ARG C 69 17.52 25.61 -4.81
CA ARG C 69 18.57 26.49 -4.34
C ARG C 69 18.94 27.49 -5.43
N ILE C 70 18.57 28.75 -5.23
CA ILE C 70 18.93 29.82 -6.16
C ILE C 70 20.30 30.36 -5.74
N PRO C 71 21.32 30.21 -6.57
CA PRO C 71 22.67 30.59 -6.14
C PRO C 71 22.88 32.10 -6.22
N VAL C 72 23.47 32.66 -5.18
CA VAL C 72 23.99 34.02 -5.22
C VAL C 72 25.44 33.98 -4.77
N ARG C 73 26.22 34.92 -5.27
CA ARG C 73 27.65 34.97 -5.02
C ARG C 73 28.11 36.40 -5.14
N PRO C 74 29.28 36.75 -4.60
CA PRO C 74 29.79 38.11 -4.79
C PRO C 74 30.11 38.40 -6.25
N GLN C 75 29.64 39.55 -6.71
CA GLN C 75 29.78 39.95 -8.10
C GLN C 75 30.98 40.86 -8.28
N THR C 76 31.33 41.10 -9.55
CA THR C 76 32.29 42.14 -9.86
C THR C 76 31.56 43.44 -10.20
N SER C 77 30.76 43.43 -11.24
CA SER C 77 29.91 44.56 -11.59
C SER C 77 28.52 44.34 -11.04
N SER C 78 27.87 45.42 -10.63
CA SER C 78 26.57 45.30 -10.00
C SER C 78 25.47 45.28 -11.06
N GLY C 79 24.24 45.12 -10.60
CA GLY C 79 23.09 45.17 -11.49
C GLY C 79 22.89 43.95 -12.35
N GLU C 80 23.38 42.79 -11.93
CA GLU C 80 23.16 41.59 -12.71
C GLU C 80 21.81 40.97 -12.37
N GLN C 81 21.47 39.90 -13.07
CA GLN C 81 20.21 39.23 -12.88
C GLN C 81 20.40 37.98 -12.04
N VAL C 82 19.58 37.82 -11.01
CA VAL C 82 19.66 36.65 -10.15
C VAL C 82 18.84 35.53 -10.75
N PHE C 83 17.57 35.80 -11.02
CA PHE C 83 16.71 34.82 -11.68
C PHE C 83 15.61 35.57 -12.40
N GLY C 84 14.62 34.82 -12.85
CA GLY C 84 13.47 35.43 -13.49
C GLY C 84 12.55 34.41 -14.11
N PHE C 85 11.25 34.68 -14.10
CA PHE C 85 10.29 33.77 -14.71
C PHE C 85 9.04 34.55 -15.01
N GLN C 86 8.25 34.03 -15.95
CA GLN C 86 6.97 34.65 -16.24
C GLN C 86 5.98 34.31 -15.15
N LEU C 87 4.98 35.17 -14.98
CA LEU C 87 3.98 34.97 -13.94
C LEU C 87 2.77 34.25 -14.53
N GLN C 88 2.94 32.94 -14.71
CA GLN C 88 1.85 32.09 -15.15
C GLN C 88 1.68 31.02 -14.09
N PRO C 89 0.91 31.31 -13.04
CA PRO C 89 0.93 30.48 -11.83
C PRO C 89 0.24 29.12 -11.96
N GLY C 90 -0.18 28.72 -13.15
CA GLY C 90 -0.71 27.39 -13.31
C GLY C 90 -0.19 26.79 -14.59
N HIS C 91 0.64 27.53 -15.30
CA HIS C 91 1.12 27.05 -16.58
C HIS C 91 2.64 27.13 -16.71
N ASP C 92 3.28 28.05 -16.00
CA ASP C 92 4.73 28.13 -16.06
C ASP C 92 5.35 26.98 -15.29
N SER C 93 6.49 26.51 -15.81
CA SER C 93 7.15 25.35 -15.23
C SER C 93 7.73 25.63 -13.86
N VAL C 94 7.94 26.89 -13.51
CA VAL C 94 8.46 27.21 -12.20
C VAL C 94 7.38 27.11 -11.15
N LEU C 95 6.13 27.46 -11.47
CA LEU C 95 5.11 27.59 -10.46
C LEU C 95 4.06 26.49 -10.47
N LYS C 96 3.93 25.72 -11.53
CA LYS C 96 2.74 24.89 -11.67
C LYS C 96 2.79 23.59 -10.89
N HIS C 97 3.85 23.34 -10.14
CA HIS C 97 3.86 22.17 -9.28
C HIS C 97 4.09 22.55 -7.82
N THR C 98 4.04 23.83 -7.49
CA THR C 98 3.99 24.22 -6.10
C THR C 98 2.58 24.02 -5.58
N LEU C 99 2.38 24.35 -4.31
CA LEU C 99 1.10 24.11 -3.67
C LEU C 99 0.01 25.02 -4.23
N LEU C 100 0.39 26.20 -4.70
CA LEU C 100 -0.60 27.06 -5.34
C LEU C 100 -0.96 26.53 -6.71
N GLY C 101 0.02 26.04 -7.47
CA GLY C 101 -0.23 25.59 -8.82
C GLY C 101 -1.04 24.31 -8.90
N GLU C 102 -0.96 23.46 -7.89
CA GLU C 102 -1.76 22.24 -7.93
C GLU C 102 -3.21 22.52 -7.58
N ILE C 103 -3.48 23.56 -6.81
CA ILE C 103 -4.86 23.95 -6.59
C ILE C 103 -5.39 24.68 -7.82
N LEU C 104 -4.57 25.52 -8.43
CA LEU C 104 -5.00 26.26 -9.61
C LEU C 104 -5.27 25.36 -10.79
N ASN C 105 -4.58 24.23 -10.88
CA ASN C 105 -4.75 23.39 -12.05
C ASN C 105 -6.00 22.53 -11.98
N TYR C 106 -6.74 22.57 -10.89
CA TYR C 106 -8.05 21.97 -10.87
C TYR C 106 -9.11 22.92 -11.41
N TYR C 107 -8.76 24.18 -11.64
CA TYR C 107 -9.71 25.19 -12.08
C TYR C 107 -9.21 25.83 -13.35
N ALA C 108 -10.03 26.73 -13.90
CA ALA C 108 -9.69 27.38 -15.15
C ALA C 108 -9.63 28.88 -15.08
N ASN C 109 -10.10 29.50 -14.02
CA ASN C 109 -9.99 30.93 -13.83
C ASN C 109 -9.38 31.20 -12.46
N TRP C 110 -8.58 32.27 -12.38
CA TRP C 110 -7.99 32.65 -11.12
C TRP C 110 -7.93 34.16 -11.03
N SER C 111 -7.96 34.68 -9.82
CA SER C 111 -8.00 36.10 -9.57
C SER C 111 -7.37 36.41 -8.22
N GLY C 112 -6.82 37.60 -8.10
CA GLY C 112 -6.31 38.07 -6.83
C GLY C 112 -4.81 38.29 -6.86
N SER C 113 -4.29 38.73 -5.73
CA SER C 113 -2.89 39.07 -5.58
C SER C 113 -2.12 37.89 -5.01
N MET C 114 -0.81 37.91 -5.24
CA MET C 114 0.06 36.82 -4.81
C MET C 114 1.25 37.36 -4.05
N LYS C 115 1.75 36.55 -3.14
CA LYS C 115 2.93 36.88 -2.34
C LYS C 115 4.11 36.09 -2.85
N LEU C 116 5.30 36.68 -2.72
CA LEU C 116 6.54 35.99 -3.02
C LEU C 116 7.53 36.31 -1.91
N THR C 117 7.91 35.29 -1.14
CA THR C 117 8.77 35.48 0.02
C THR C 117 10.13 34.89 -0.27
N PHE C 118 11.18 35.61 0.08
CA PHE C 118 12.55 35.25 -0.28
C PHE C 118 13.38 35.17 0.98
N MET C 119 13.72 33.96 1.39
CA MET C 119 14.49 33.74 2.60
C MET C 119 15.94 33.51 2.22
N TYR C 120 16.83 34.35 2.74
CA TYR C 120 18.25 34.26 2.40
C TYR C 120 18.93 33.30 3.35
N CYS C 121 19.52 32.25 2.81
CA CYS C 121 20.08 31.16 3.60
C CYS C 121 21.59 31.14 3.59
N GLY C 122 22.23 32.31 3.51
CA GLY C 122 23.67 32.38 3.55
C GLY C 122 24.18 32.37 4.97
N ALA C 123 25.45 32.73 5.10
CA ALA C 123 26.06 32.80 6.41
C ALA C 123 25.54 33.99 7.19
N ALA C 124 25.79 33.98 8.50
CA ALA C 124 25.29 35.06 9.33
C ALA C 124 26.14 36.31 9.24
N MET C 125 27.28 36.26 8.55
CA MET C 125 28.14 37.41 8.40
C MET C 125 28.07 38.04 7.02
N ALA C 126 27.43 37.40 6.06
CA ALA C 126 27.31 37.96 4.73
C ALA C 126 26.21 39.00 4.70
N THR C 127 26.36 39.96 3.80
CA THR C 127 25.45 41.10 3.72
C THR C 127 25.22 41.44 2.26
N GLY C 128 23.97 41.71 1.90
CA GLY C 128 23.67 42.10 0.54
C GLY C 128 22.33 42.78 0.44
N LYS C 129 22.09 43.36 -0.74
CA LYS C 129 20.81 43.95 -1.07
C LYS C 129 20.37 43.46 -2.44
N PHE C 130 19.07 43.28 -2.61
CA PHE C 130 18.54 42.81 -3.87
C PHE C 130 17.35 43.66 -4.26
N LEU C 131 17.09 43.74 -5.56
CA LEU C 131 15.92 44.42 -6.09
C LEU C 131 15.03 43.37 -6.73
N ILE C 132 13.81 43.26 -6.23
CA ILE C 132 12.88 42.23 -6.68
C ILE C 132 11.72 42.95 -7.34
N ALA C 133 11.54 42.75 -8.64
CA ALA C 133 10.66 43.60 -9.41
C ALA C 133 9.59 42.80 -10.14
N TYR C 134 8.44 43.43 -10.33
CA TYR C 134 7.34 42.89 -11.10
C TYR C 134 7.02 43.86 -12.23
N SER C 135 6.82 43.34 -13.43
CA SER C 135 6.59 44.17 -14.60
C SER C 135 5.31 43.75 -15.29
N PRO C 136 4.33 44.65 -15.40
CA PRO C 136 3.11 44.33 -16.13
C PRO C 136 3.40 44.09 -17.60
N PRO C 137 2.56 43.33 -18.30
CA PRO C 137 3.01 42.68 -19.54
C PRO C 137 3.03 43.52 -20.79
N GLY C 138 3.01 44.85 -20.69
CA GLY C 138 2.84 45.66 -21.88
C GLY C 138 4.04 45.69 -22.79
N ALA C 139 5.24 45.83 -22.22
CA ALA C 139 6.41 46.18 -23.00
C ALA C 139 7.37 45.02 -23.25
N GLY C 140 7.17 43.90 -22.60
CA GLY C 140 8.10 42.81 -22.79
C GLY C 140 8.92 42.58 -21.55
N VAL C 141 9.98 41.79 -21.65
CA VAL C 141 10.80 41.47 -20.49
C VAL C 141 11.74 42.63 -20.22
N PRO C 142 11.92 43.05 -18.97
CA PRO C 142 12.95 44.05 -18.68
C PRO C 142 14.34 43.48 -18.87
N GLY C 143 15.11 44.10 -19.76
CA GLY C 143 16.42 43.60 -20.09
C GLY C 143 17.54 44.10 -19.22
N SER C 144 17.27 44.99 -18.29
CA SER C 144 18.29 45.51 -17.42
C SER C 144 17.67 45.90 -16.09
N ARG C 145 18.51 46.23 -15.12
CA ARG C 145 17.99 46.72 -13.86
C ARG C 145 17.42 48.12 -14.00
N ARG C 146 17.89 48.88 -14.99
CA ARG C 146 17.30 50.18 -15.26
C ARG C 146 15.87 50.03 -15.77
N ASP C 147 15.60 48.99 -16.55
CA ASP C 147 14.24 48.72 -16.96
C ASP C 147 13.39 48.12 -15.86
N ALA C 148 14.02 47.55 -14.84
CA ALA C 148 13.24 46.91 -13.80
C ALA C 148 12.83 47.87 -12.70
N MET C 149 13.57 48.95 -12.50
CA MET C 149 13.20 49.90 -11.45
C MET C 149 11.97 50.71 -11.82
N LEU C 150 11.53 50.66 -13.07
CA LEU C 150 10.34 51.38 -13.51
C LEU C 150 9.06 50.63 -13.23
N GLY C 151 9.12 49.40 -12.74
CA GLY C 151 7.94 48.63 -12.42
C GLY C 151 7.63 48.66 -10.93
N THR C 152 6.76 47.75 -10.54
CA THR C 152 6.50 47.53 -9.12
C THR C 152 7.63 46.71 -8.53
N HIS C 153 8.30 47.24 -7.52
CA HIS C 153 9.47 46.55 -7.00
C HIS C 153 9.64 46.86 -5.52
N VAL C 154 10.56 46.15 -4.90
CA VAL C 154 10.91 46.34 -3.50
C VAL C 154 12.38 46.00 -3.32
N ILE C 155 13.09 46.82 -2.56
CA ILE C 155 14.51 46.67 -2.36
C ILE C 155 14.74 46.01 -1.01
N TRP C 156 15.23 44.79 -1.04
CA TRP C 156 15.35 43.95 0.14
C TRP C 156 16.74 44.11 0.73
N ASP C 157 16.81 44.34 2.03
CA ASP C 157 18.06 44.42 2.76
C ASP C 157 18.12 43.25 3.72
N VAL C 158 19.14 42.41 3.59
CA VAL C 158 19.24 41.26 4.46
C VAL C 158 19.75 41.69 5.82
N GLY C 159 19.50 40.86 6.82
CA GLY C 159 19.85 41.20 8.18
C GLY C 159 19.27 40.21 9.16
N LEU C 160 18.69 40.71 10.25
CA LEU C 160 18.10 39.81 11.23
C LEU C 160 16.79 39.23 10.71
N GLN C 161 15.88 40.09 10.29
CA GLN C 161 14.67 39.63 9.60
C GLN C 161 15.11 39.12 8.25
N SER C 162 15.12 37.79 8.10
CA SER C 162 15.84 37.16 7.02
C SER C 162 15.01 36.92 5.78
N SER C 163 13.86 37.58 5.65
CA SER C 163 13.03 37.34 4.48
C SER C 163 12.17 38.54 4.18
N CYS C 164 12.09 38.90 2.91
CA CYS C 164 11.29 40.01 2.43
C CYS C 164 10.21 39.51 1.49
N VAL C 165 9.06 40.15 1.55
CA VAL C 165 7.87 39.73 0.83
C VAL C 165 7.61 40.72 -0.28
N LEU C 166 7.75 40.26 -1.51
CA LEU C 166 7.21 40.97 -2.66
C LEU C 166 5.76 40.55 -2.83
N CYS C 167 4.85 41.51 -2.84
CA CYS C 167 3.44 41.21 -2.97
C CYS C 167 3.01 41.62 -4.38
N VAL C 168 2.85 40.65 -5.25
CA VAL C 168 2.47 40.87 -6.65
C VAL C 168 1.03 41.34 -6.72
N PRO C 169 0.77 42.58 -7.10
CA PRO C 169 -0.60 43.07 -7.08
C PRO C 169 -1.39 42.60 -8.28
N TRP C 170 -2.70 42.68 -8.16
CA TRP C 170 -3.60 42.28 -9.23
C TRP C 170 -3.81 43.46 -10.14
N ILE C 171 -3.13 43.45 -11.28
CA ILE C 171 -3.32 44.46 -12.31
C ILE C 171 -3.77 43.72 -13.56
N SER C 172 -5.01 43.93 -13.95
CA SER C 172 -5.55 43.26 -15.12
C SER C 172 -6.71 44.06 -15.66
N GLN C 173 -6.94 43.95 -16.95
CA GLN C 173 -8.13 44.57 -17.53
C GLN C 173 -9.36 43.71 -17.36
N THR C 174 -9.19 42.45 -16.98
CA THR C 174 -10.30 41.53 -16.78
C THR C 174 -10.43 41.19 -15.32
N ASN C 175 -11.61 40.73 -14.93
CA ASN C 175 -11.80 40.30 -13.55
C ASN C 175 -11.10 38.99 -13.25
N TYR C 176 -10.88 38.15 -14.25
CA TYR C 176 -10.21 36.88 -14.03
C TYR C 176 -9.18 36.68 -15.12
N ARG C 177 -8.29 35.72 -14.89
CA ARG C 177 -7.34 35.31 -15.90
C ARG C 177 -7.44 33.81 -16.10
N TYR C 178 -7.03 33.36 -17.27
CA TYR C 178 -7.03 31.94 -17.55
C TYR C 178 -5.84 31.28 -16.89
N VAL C 179 -6.02 30.05 -16.44
CA VAL C 179 -4.93 29.33 -15.79
C VAL C 179 -3.94 28.85 -16.84
N THR C 180 -4.40 28.04 -17.78
CA THR C 180 -3.58 27.74 -18.96
C THR C 180 -3.51 28.99 -19.79
N SER C 181 -2.37 29.66 -19.74
CA SER C 181 -2.27 31.03 -20.19
C SER C 181 -2.35 31.13 -21.70
N ASP C 182 -2.94 32.22 -22.16
CA ASP C 182 -3.03 32.55 -23.57
C ASP C 182 -2.44 33.94 -23.77
N ALA C 183 -2.56 34.45 -24.98
CA ALA C 183 -1.95 35.73 -25.28
C ALA C 183 -2.75 36.89 -24.73
N TYR C 184 -4.06 36.71 -24.56
CA TYR C 184 -4.91 37.84 -24.22
C TYR C 184 -4.78 38.22 -22.75
N THR C 185 -4.61 37.24 -21.88
CA THR C 185 -4.60 37.50 -20.45
C THR C 185 -3.24 37.24 -19.85
N ASP C 186 -2.19 37.75 -20.49
CA ASP C 186 -0.85 37.65 -19.93
C ASP C 186 -0.77 38.45 -18.64
N ALA C 187 0.08 37.98 -17.73
CA ALA C 187 0.13 38.55 -16.40
C ALA C 187 1.44 39.23 -16.06
N GLY C 188 2.48 39.03 -16.85
CA GLY C 188 3.69 39.79 -16.62
C GLY C 188 4.88 38.97 -16.22
N TYR C 189 5.91 39.61 -15.70
CA TYR C 189 7.21 38.99 -15.48
C TYR C 189 7.73 39.33 -14.09
N ILE C 190 8.38 38.36 -13.46
CA ILE C 190 9.00 38.54 -12.15
C ILE C 190 10.49 38.40 -12.36
N THR C 191 11.25 39.46 -12.11
CA THR C 191 12.70 39.40 -12.17
C THR C 191 13.29 39.86 -10.85
N CYS C 192 14.55 39.52 -10.64
CA CYS C 192 15.24 39.88 -9.41
C CYS C 192 16.69 40.18 -9.72
N TRP C 193 17.19 41.30 -9.21
CA TRP C 193 18.46 41.84 -9.64
C TRP C 193 19.34 42.15 -8.44
N TYR C 194 20.65 42.12 -8.66
CA TYR C 194 21.60 42.51 -7.62
C TYR C 194 21.50 44.00 -7.40
N GLN C 195 21.07 44.41 -6.21
CA GLN C 195 20.99 45.83 -5.93
C GLN C 195 22.38 46.41 -5.72
N THR C 196 23.14 45.86 -4.79
CA THR C 196 24.55 46.23 -4.70
C THR C 196 25.48 45.06 -4.99
N SER C 197 25.59 44.09 -4.09
CA SER C 197 26.43 42.89 -4.21
C SER C 197 26.26 42.06 -2.96
N ILE C 198 26.97 40.94 -2.88
CA ILE C 198 27.12 40.19 -1.65
C ILE C 198 28.53 40.47 -1.15
N VAL C 199 28.65 41.02 0.05
CA VAL C 199 29.93 41.39 0.63
C VAL C 199 30.14 40.54 1.87
N THR C 200 31.27 39.88 1.96
CA THR C 200 31.50 38.89 3.00
C THR C 200 32.89 39.03 3.60
N PRO C 201 33.04 38.74 4.90
CA PRO C 201 34.37 38.67 5.51
C PRO C 201 35.09 37.41 5.06
N PRO C 202 36.41 37.31 5.27
CA PRO C 202 37.13 36.14 4.77
C PRO C 202 36.76 34.87 5.53
N ASP C 203 37.17 33.74 4.93
CA ASP C 203 36.86 32.38 5.39
C ASP C 203 35.36 32.12 5.46
N ILE C 204 34.66 32.46 4.38
CA ILE C 204 33.25 32.13 4.20
C ILE C 204 33.09 31.62 2.77
N PRO C 205 32.29 30.59 2.52
CA PRO C 205 32.13 30.10 1.14
C PRO C 205 31.47 31.14 0.25
N THR C 206 31.74 31.03 -1.05
CA THR C 206 31.28 32.04 -1.99
C THR C 206 29.80 31.91 -2.28
N THR C 207 29.38 30.77 -2.82
CA THR C 207 28.01 30.61 -3.27
C THR C 207 27.06 30.45 -2.09
N SER C 208 25.90 31.05 -2.19
CA SER C 208 24.88 31.01 -1.14
C SER C 208 23.57 30.55 -1.77
N THR C 209 22.48 30.72 -1.04
CA THR C 209 21.21 30.17 -1.47
C THR C 209 20.07 31.06 -1.03
N ILE C 210 19.17 31.39 -1.96
CA ILE C 210 17.93 32.08 -1.65
C ILE C 210 16.79 31.11 -1.95
N LEU C 211 15.85 30.97 -1.01
CA LEU C 211 14.68 30.15 -1.21
C LEU C 211 13.47 31.02 -1.51
N CYS C 212 12.79 30.76 -2.62
CA CYS C 212 11.57 31.47 -2.93
C CYS C 212 10.38 30.78 -2.27
N PHE C 213 9.27 31.50 -2.18
CA PHE C 213 8.07 30.99 -1.52
C PHE C 213 6.86 31.65 -2.14
N VAL C 214 5.94 30.89 -2.72
CA VAL C 214 4.76 31.46 -3.34
C VAL C 214 3.55 31.11 -2.49
N SER C 215 2.58 32.02 -2.44
CA SER C 215 1.32 31.78 -1.74
C SER C 215 0.29 32.72 -2.35
N ALA C 216 -0.83 32.89 -1.66
CA ALA C 216 -1.93 33.70 -2.16
C ALA C 216 -2.35 34.69 -1.08
N CYS C 217 -2.67 35.90 -1.50
CA CYS C 217 -3.12 36.91 -0.54
C CYS C 217 -4.58 36.65 -0.17
N ASN C 218 -5.13 37.53 0.65
CA ASN C 218 -6.46 37.26 1.21
C ASN C 218 -7.59 37.62 0.27
N ASP C 219 -7.30 38.00 -0.97
CA ASP C 219 -8.33 38.29 -1.95
C ASP C 219 -8.20 37.36 -3.15
N PHE C 220 -7.67 36.17 -2.96
CA PHE C 220 -7.52 35.23 -4.05
C PHE C 220 -8.82 34.50 -4.30
N SER C 221 -9.01 34.04 -5.54
CA SER C 221 -10.27 33.43 -5.93
C SER C 221 -10.08 32.56 -7.14
N VAL C 222 -10.80 31.45 -7.20
CA VAL C 222 -10.76 30.54 -8.33
C VAL C 222 -12.18 30.26 -8.80
N ARG C 223 -12.29 29.68 -9.99
CA ARG C 223 -13.58 29.52 -10.64
C ARG C 223 -13.44 28.45 -11.72
N LEU C 224 -14.57 27.85 -12.10
CA LEU C 224 -14.70 26.97 -13.26
C LEU C 224 -13.82 25.72 -13.17
N LEU C 225 -14.30 24.79 -12.32
CA LEU C 225 -13.69 23.47 -12.13
C LEU C 225 -13.39 22.74 -13.44
N ARG C 226 -12.35 21.91 -13.40
CA ARG C 226 -11.96 21.05 -14.51
C ARG C 226 -11.15 19.90 -13.94
N ASP C 227 -10.48 19.15 -14.81
CA ASP C 227 -9.55 18.12 -14.39
C ASP C 227 -8.13 18.59 -14.61
N THR C 228 -7.19 17.90 -13.98
CA THR C 228 -5.85 18.44 -14.15
C THR C 228 -5.18 17.79 -15.35
N PRO C 229 -4.31 18.50 -16.04
CA PRO C 229 -3.50 17.83 -17.07
C PRO C 229 -2.22 17.26 -16.50
N PHE C 230 -2.30 16.62 -15.35
CA PHE C 230 -1.11 16.11 -14.68
C PHE C 230 -1.11 14.61 -14.52
N ILE C 231 -2.27 14.03 -14.22
CA ILE C 231 -2.37 12.62 -13.89
C ILE C 231 -3.02 11.89 -15.05
N THR C 232 -2.39 10.81 -15.50
CA THR C 232 -2.86 10.02 -16.63
C THR C 232 -2.88 8.55 -16.25
N GLN C 233 -3.76 7.80 -16.91
CA GLN C 233 -3.72 6.36 -16.78
C GLN C 233 -4.23 5.73 -18.07
N GLN C 234 -3.78 4.52 -18.35
CA GLN C 234 -4.21 3.78 -19.51
C GLN C 234 -5.24 2.71 -19.18
N ALA C 235 -5.18 2.16 -17.98
CA ALA C 235 -6.11 1.13 -17.57
C ALA C 235 -6.42 1.33 -16.09
N LEU C 236 -7.35 0.54 -15.59
CA LEU C 236 -7.66 0.58 -14.16
C LEU C 236 -6.51 -0.03 -13.39
N PHE C 237 -6.11 0.65 -12.31
CA PHE C 237 -5.03 0.17 -11.48
C PHE C 237 -5.47 -1.05 -10.71
N GLN C 238 -4.90 -2.20 -11.03
CA GLN C 238 -5.24 -3.45 -10.36
C GLN C 238 -4.73 -3.46 -8.93
N GLY D 1 -42.23 20.84 4.68
CA GLY D 1 -41.11 21.53 5.29
C GLY D 1 -40.93 22.90 4.69
N ALA D 2 -40.79 22.92 3.36
CA ALA D 2 -40.73 24.13 2.53
C ALA D 2 -39.61 25.06 2.98
N GLN D 3 -38.39 24.54 2.96
CA GLN D 3 -37.22 25.33 3.33
C GLN D 3 -36.89 26.23 2.15
N VAL D 4 -37.57 27.37 2.10
CA VAL D 4 -37.30 28.36 1.06
C VAL D 4 -36.00 29.07 1.40
N SER D 5 -35.09 29.13 0.44
CA SER D 5 -33.76 29.67 0.68
C SER D 5 -33.37 30.52 -0.52
N THR D 6 -32.29 31.27 -0.37
CA THR D 6 -31.90 32.17 -1.43
C THR D 6 -31.07 31.44 -2.48
N GLN D 7 -30.98 32.05 -3.65
CA GLN D 7 -30.30 31.46 -4.78
C GLN D 7 -28.92 32.09 -4.93
N LYS D 8 -28.10 31.46 -5.76
CA LYS D 8 -26.76 31.97 -6.04
C LYS D 8 -26.84 32.86 -7.27
N THR D 9 -26.73 34.16 -7.07
CA THR D 9 -26.83 35.12 -8.14
C THR D 9 -25.56 35.96 -8.18
N GLY D 10 -25.53 36.93 -9.08
CA GLY D 10 -24.37 37.77 -9.27
C GLY D 10 -24.26 38.88 -8.24
N ALA D 11 -23.81 40.04 -8.70
CA ALA D 11 -23.72 41.21 -7.85
C ALA D 11 -23.90 42.44 -8.73
N HIS D 12 -23.77 43.61 -8.12
CA HIS D 12 -23.91 44.86 -8.85
C HIS D 12 -22.96 45.91 -8.32
N ILE D 23 -38.28 36.26 -6.16
CA ILE D 23 -37.95 35.84 -7.51
C ILE D 23 -36.60 35.12 -7.49
N ILE D 24 -35.76 35.44 -6.50
CA ILE D 24 -34.47 34.79 -6.37
C ILE D 24 -34.47 33.82 -5.21
N HIS D 25 -35.64 33.29 -4.87
CA HIS D 25 -35.75 32.22 -3.90
C HIS D 25 -35.90 30.88 -4.60
N TYR D 26 -35.81 29.81 -3.83
CA TYR D 26 -36.09 28.49 -4.36
C TYR D 26 -36.60 27.62 -3.24
N THR D 27 -37.50 26.70 -3.59
CA THR D 27 -38.18 25.86 -2.62
C THR D 27 -37.59 24.46 -2.65
N ASN D 28 -37.43 23.86 -1.47
CA ASN D 28 -36.85 22.54 -1.37
C ASN D 28 -37.62 21.72 -0.36
N ILE D 29 -38.01 20.52 -0.75
CA ILE D 29 -38.76 19.60 0.11
C ILE D 29 -37.98 18.30 0.18
N ASN D 30 -37.64 17.88 1.39
CA ASN D 30 -37.03 16.57 1.58
C ASN D 30 -38.11 15.51 1.55
N TYR D 31 -37.86 14.42 0.83
CA TYR D 31 -38.88 13.40 0.65
C TYR D 31 -38.60 12.09 1.38
N TYR D 32 -37.39 11.89 1.89
CA TYR D 32 -37.00 10.59 2.41
C TYR D 32 -36.71 10.68 3.91
N LYS D 33 -36.75 9.51 4.54
CA LYS D 33 -36.65 9.42 5.98
C LYS D 33 -35.21 9.25 6.46
N ASP D 34 -34.23 9.57 5.64
CA ASP D 34 -32.84 9.51 6.04
C ASP D 34 -32.16 10.82 5.68
N SER D 35 -31.21 11.23 6.52
CA SER D 35 -30.46 12.44 6.21
C SER D 35 -29.49 12.21 5.08
N ALA D 36 -29.10 10.98 4.83
CA ALA D 36 -28.15 10.68 3.76
C ALA D 36 -28.79 10.62 2.40
N SER D 37 -30.08 10.91 2.29
CA SER D 37 -30.74 10.96 1.01
C SER D 37 -30.91 12.36 0.49
N ASN D 38 -30.48 13.36 1.24
CA ASN D 38 -30.72 14.74 0.87
C ASN D 38 -29.81 15.16 -0.27
N SER D 39 -29.98 16.39 -0.71
CA SER D 39 -29.15 16.98 -1.74
C SER D 39 -27.88 17.51 -1.10
N LEU D 40 -27.02 18.15 -1.90
CA LEU D 40 -25.75 18.60 -1.37
C LEU D 40 -25.91 19.91 -0.61
N ASN D 41 -24.93 20.22 0.22
CA ASN D 41 -24.89 21.48 0.95
C ASN D 41 -23.95 22.46 0.25
N ARG D 42 -24.40 22.99 -0.87
CA ARG D 42 -23.51 23.76 -1.71
C ARG D 42 -23.31 25.19 -1.25
N GLN D 43 -24.02 25.66 -0.23
CA GLN D 43 -24.02 27.06 0.13
C GLN D 43 -23.44 27.32 1.52
N ASP D 44 -22.34 26.67 1.85
CA ASP D 44 -21.67 26.88 3.13
C ASP D 44 -20.24 27.30 2.78
N PHE D 45 -19.96 28.61 2.86
CA PHE D 45 -18.65 29.12 2.50
C PHE D 45 -17.88 29.61 3.71
N THR D 46 -18.18 29.10 4.89
CA THR D 46 -17.47 29.50 6.09
C THR D 46 -16.05 28.97 6.05
N GLN D 47 -15.11 29.78 6.53
CA GLN D 47 -13.71 29.40 6.45
C GLN D 47 -12.92 30.14 7.51
N ASP D 48 -11.79 29.55 7.89
CA ASP D 48 -10.74 30.26 8.60
C ASP D 48 -9.39 29.62 8.27
N PRO D 49 -8.50 30.34 7.59
CA PRO D 49 -7.18 29.79 7.28
C PRO D 49 -6.15 29.95 8.38
N SER D 50 -6.56 30.41 9.57
CA SER D 50 -5.61 30.69 10.63
C SER D 50 -5.02 29.42 11.22
N LYS D 51 -5.64 28.26 11.00
CA LYS D 51 -5.04 27.03 11.47
C LYS D 51 -3.80 26.67 10.68
N PHE D 52 -3.75 27.04 9.41
CA PHE D 52 -2.65 26.62 8.55
C PHE D 52 -1.65 27.73 8.25
N THR D 53 -2.08 28.98 8.24
CA THR D 53 -1.14 30.05 8.00
C THR D 53 -0.53 30.60 9.27
N GLU D 54 -1.27 30.62 10.36
CA GLU D 54 -0.81 31.18 11.64
C GLU D 54 -0.84 30.14 12.76
N PRO D 55 -0.08 29.06 12.64
CA PRO D 55 -0.15 28.05 13.69
C PRO D 55 0.82 28.32 14.82
N VAL D 56 0.95 29.56 15.26
CA VAL D 56 2.04 29.99 16.12
C VAL D 56 1.48 30.27 17.50
N LYS D 57 2.25 29.97 18.53
CA LYS D 57 1.78 30.19 19.90
C LYS D 57 1.69 31.68 20.20
N ASP D 58 2.82 32.38 20.16
CA ASP D 58 2.81 33.81 20.39
C ASP D 58 2.35 34.52 19.13
N VAL D 59 1.40 35.45 19.30
CA VAL D 59 0.78 36.12 18.15
C VAL D 59 1.79 37.08 17.52
N MET D 60 1.89 37.02 16.20
CA MET D 60 2.85 37.81 15.45
C MET D 60 2.12 38.98 14.80
N ILE D 61 2.40 40.18 15.29
CA ILE D 61 1.86 41.39 14.69
C ILE D 61 2.54 41.60 13.34
N LYS D 62 1.76 42.04 12.35
CA LYS D 62 2.27 42.15 10.98
C LYS D 62 3.33 43.24 10.86
N THR D 63 3.07 44.41 11.42
CA THR D 63 3.92 45.56 11.19
C THR D 63 5.12 45.62 12.12
N LEU D 64 5.34 44.62 12.91
CA LEU D 64 6.42 44.56 13.87
C LEU D 64 7.55 43.70 13.33
N PRO D 65 8.74 43.79 13.91
CA PRO D 65 9.76 42.77 13.67
C PRO D 65 9.28 41.41 14.13
N ALA D 66 9.60 40.38 13.35
CA ALA D 66 9.19 39.05 13.74
C ALA D 66 10.00 38.53 14.92
N LEU D 67 11.22 39.03 15.09
CA LEU D 67 12.15 38.52 16.08
C LEU D 67 12.53 39.58 17.11
N LEU E 1 -12.03 -42.51 -3.78
CA LEU E 1 -11.07 -42.00 -4.75
C LEU E 1 -11.15 -40.48 -4.84
N SER E 2 -10.01 -39.85 -5.10
CA SER E 2 -9.93 -38.40 -5.11
C SER E 2 -8.81 -37.94 -6.03
N LEU E 3 -9.04 -36.84 -6.72
CA LEU E 3 -8.02 -36.14 -7.48
C LEU E 3 -7.35 -35.11 -6.58
N LEU E 4 -6.02 -35.07 -6.61
CA LEU E 4 -5.28 -34.17 -5.73
C LEU E 4 -4.08 -33.59 -6.47
N TYR E 5 -3.76 -32.35 -6.15
CA TYR E 5 -2.58 -31.66 -6.66
C TYR E 5 -1.68 -31.29 -5.50
N HIS E 6 -0.37 -31.46 -5.70
CA HIS E 6 0.63 -31.19 -4.67
C HIS E 6 1.53 -30.05 -5.17
N LEU E 7 1.15 -28.82 -4.86
CA LEU E 7 1.87 -27.64 -5.31
C LEU E 7 2.99 -27.30 -4.35
N THR E 8 4.15 -26.94 -4.90
CA THR E 8 5.28 -26.49 -4.09
C THR E 8 6.07 -25.47 -4.88
N ALA E 9 6.36 -24.33 -4.25
CA ALA E 9 7.24 -23.32 -4.83
C ALA E 9 8.23 -22.85 -3.79
N VAL E 10 9.48 -22.71 -4.18
CA VAL E 10 10.54 -22.26 -3.30
C VAL E 10 11.02 -20.89 -3.76
N SER E 11 11.52 -20.10 -2.81
CA SER E 11 11.91 -18.73 -3.12
C SER E 11 13.21 -18.69 -3.90
N SER E 12 14.29 -19.20 -3.30
CA SER E 12 15.60 -19.30 -3.96
C SER E 12 15.87 -20.77 -4.26
N PRO E 13 15.57 -21.23 -5.46
CA PRO E 13 15.77 -22.65 -5.76
C PRO E 13 17.25 -22.96 -5.98
N ALA E 14 17.58 -24.23 -5.77
CA ALA E 14 18.90 -24.71 -6.13
C ALA E 14 19.04 -24.67 -7.65
N PRO E 15 20.21 -24.31 -8.18
CA PRO E 15 20.36 -24.21 -9.64
C PRO E 15 20.28 -25.58 -10.31
N GLY E 16 19.66 -25.59 -11.48
CA GLY E 16 19.38 -26.81 -12.19
C GLY E 16 18.08 -27.49 -11.80
N THR E 17 17.41 -26.99 -10.76
CA THR E 17 16.16 -27.50 -10.24
C THR E 17 15.02 -26.53 -10.54
N PRO E 18 13.79 -27.01 -10.71
CA PRO E 18 12.68 -26.09 -10.92
C PRO E 18 12.31 -25.36 -9.64
N ALA E 19 11.85 -24.13 -9.81
CA ALA E 19 11.36 -23.32 -8.69
C ALA E 19 9.89 -23.59 -8.38
N PHE E 20 9.21 -24.39 -9.19
CA PHE E 20 7.81 -24.68 -9.01
C PHE E 20 7.51 -26.00 -9.71
N TRP E 21 6.84 -26.92 -9.03
CA TRP E 21 6.55 -28.20 -9.64
C TRP E 21 5.28 -28.79 -9.07
N VAL E 22 4.57 -29.53 -9.92
CA VAL E 22 3.28 -30.11 -9.61
C VAL E 22 3.40 -31.63 -9.65
N SER E 23 2.71 -32.30 -8.72
CA SER E 23 2.52 -33.75 -8.78
C SER E 23 1.04 -34.04 -8.59
N GLY E 24 0.41 -34.57 -9.63
CA GLY E 24 -1.00 -34.92 -9.58
C GLY E 24 -1.21 -36.38 -9.25
N TRP E 25 -2.08 -36.64 -8.29
CA TRP E 25 -2.31 -37.98 -7.76
C TRP E 25 -3.79 -38.31 -7.88
N LEU E 26 -4.15 -39.19 -8.81
CA LEU E 26 -5.48 -39.80 -8.83
C LEU E 26 -5.52 -40.86 -7.75
N GLY E 27 -5.82 -40.44 -6.53
CA GLY E 27 -5.83 -41.35 -5.41
C GLY E 27 -4.43 -41.67 -4.92
N PRO E 28 -4.07 -42.96 -4.94
CA PRO E 28 -2.79 -43.37 -4.35
C PRO E 28 -1.59 -43.38 -5.28
N GLN E 29 -1.77 -43.16 -6.59
CA GLN E 29 -0.62 -43.17 -7.49
C GLN E 29 -0.63 -41.93 -8.36
N GLN E 30 0.55 -41.56 -8.84
CA GLN E 30 0.76 -40.29 -9.51
C GLN E 30 0.41 -40.39 -10.99
N TYR E 31 -0.24 -39.35 -11.51
CA TYR E 31 -0.56 -39.30 -12.93
C TYR E 31 -0.06 -38.06 -13.64
N LEU E 32 0.31 -37.00 -12.91
CA LEU E 32 0.58 -35.71 -13.53
C LEU E 32 1.88 -35.15 -12.97
N SER E 33 2.70 -34.60 -13.86
CA SER E 33 3.93 -33.93 -13.48
C SER E 33 4.05 -32.63 -14.27
N TYR E 34 4.70 -31.65 -13.66
CA TYR E 34 4.87 -30.32 -14.24
C TYR E 34 6.04 -29.67 -13.53
N ASN E 35 6.72 -28.78 -14.24
CA ASN E 35 7.79 -27.98 -13.63
C ASN E 35 7.91 -26.65 -14.37
N SER E 36 8.96 -25.91 -14.01
CA SER E 36 9.24 -24.64 -14.67
C SER E 36 10.28 -24.75 -15.77
N LEU E 37 11.16 -25.75 -15.70
CA LEU E 37 12.28 -25.84 -16.63
C LEU E 37 11.88 -26.33 -18.00
N ARG E 38 10.73 -26.97 -18.16
CA ARG E 38 10.23 -27.32 -19.48
C ARG E 38 8.95 -26.59 -19.86
N GLY E 39 8.17 -26.12 -18.89
CA GLY E 39 7.06 -25.24 -19.19
C GLY E 39 5.80 -25.92 -19.67
N GLU E 40 5.67 -27.22 -19.48
CA GLU E 40 4.46 -27.92 -19.88
C GLU E 40 4.32 -29.19 -19.03
N ALA E 41 3.08 -29.67 -18.94
CA ALA E 41 2.76 -30.85 -18.14
C ALA E 41 2.73 -32.09 -19.01
N GLU E 42 3.23 -33.20 -18.48
CA GLU E 42 3.29 -34.45 -19.21
C GLU E 42 2.81 -35.59 -18.33
N PRO E 43 2.33 -36.68 -18.92
CA PRO E 43 2.04 -37.87 -18.12
C PRO E 43 3.30 -38.66 -17.82
N CYS E 44 3.14 -39.67 -16.98
CA CYS E 44 4.22 -40.59 -16.65
C CYS E 44 4.15 -41.89 -17.45
N GLY E 45 3.20 -42.00 -18.38
CA GLY E 45 2.98 -43.24 -19.11
C GLY E 45 2.43 -44.35 -18.24
N ALA E 46 1.59 -44.02 -17.27
CA ALA E 46 1.14 -44.97 -16.27
C ALA E 46 -0.37 -45.15 -16.24
N TRP E 47 -1.14 -44.07 -16.36
CA TRP E 47 -2.57 -44.15 -16.13
C TRP E 47 -3.38 -44.22 -17.43
N VAL E 48 -3.16 -43.28 -18.35
CA VAL E 48 -4.01 -43.22 -19.54
C VAL E 48 -3.53 -44.10 -20.68
N TRP E 49 -2.21 -44.22 -20.87
CA TRP E 49 -1.52 -44.78 -22.04
C TRP E 49 -2.17 -44.38 -23.38
N GLU E 50 -2.60 -43.11 -23.47
CA GLU E 50 -3.13 -42.54 -24.70
C GLU E 50 -2.67 -41.09 -24.80
N ASN E 51 -2.80 -40.54 -26.00
CA ASN E 51 -2.50 -39.13 -26.27
C ASN E 51 -3.79 -38.44 -26.67
N GLN E 52 -4.27 -37.53 -25.83
CA GLN E 52 -5.47 -36.75 -26.11
C GLN E 52 -5.14 -35.63 -27.08
N VAL E 53 -6.02 -35.42 -28.06
CA VAL E 53 -5.71 -34.54 -29.20
C VAL E 53 -6.15 -33.13 -28.81
N SER E 54 -5.29 -32.45 -28.05
CA SER E 54 -5.33 -31.03 -27.72
C SER E 54 -6.60 -30.57 -27.01
N TRP E 55 -7.39 -31.50 -26.47
CA TRP E 55 -8.66 -31.17 -25.84
C TRP E 55 -8.68 -31.43 -24.36
N TYR E 56 -7.77 -32.24 -23.85
CA TYR E 56 -7.68 -32.60 -22.45
C TYR E 56 -6.39 -32.12 -21.82
N TRP E 57 -5.24 -32.39 -22.45
CA TRP E 57 -3.95 -32.04 -21.87
C TRP E 57 -3.52 -30.62 -22.17
N GLU E 58 -4.08 -30.00 -23.19
CA GLU E 58 -3.74 -28.61 -23.49
C GLU E 58 -4.39 -27.64 -22.52
N LYS E 59 -5.49 -28.01 -21.86
CA LYS E 59 -6.06 -27.14 -20.85
C LYS E 59 -5.46 -27.35 -19.48
N GLU E 60 -4.86 -28.53 -19.22
CA GLU E 60 -4.15 -28.72 -17.97
C GLU E 60 -2.84 -27.95 -17.94
N THR E 61 -2.22 -27.79 -19.11
CA THR E 61 -0.99 -27.02 -19.18
C THR E 61 -1.25 -25.54 -18.93
N THR E 62 -2.28 -24.99 -19.56
CA THR E 62 -2.61 -23.58 -19.42
C THR E 62 -3.12 -23.26 -18.02
N ASP E 63 -3.71 -24.25 -17.35
CA ASP E 63 -4.20 -24.07 -15.99
C ASP E 63 -3.04 -23.88 -15.02
N LEU E 64 -1.96 -24.65 -15.20
CA LEU E 64 -0.86 -24.60 -14.24
C LEU E 64 0.14 -23.48 -14.54
N ARG E 65 0.07 -22.83 -15.70
CA ARG E 65 0.83 -21.59 -15.88
C ARG E 65 0.23 -20.49 -15.03
N ILE E 66 -1.07 -20.53 -14.79
CA ILE E 66 -1.71 -19.58 -13.90
C ILE E 66 -1.28 -19.82 -12.46
N LYS E 67 -1.17 -21.10 -12.07
CA LYS E 67 -0.77 -21.41 -10.70
C LYS E 67 0.69 -21.14 -10.45
N GLU E 68 1.51 -21.13 -11.50
CA GLU E 68 2.92 -20.80 -11.34
C GLU E 68 3.10 -19.32 -11.00
N LYS E 69 2.34 -18.45 -11.64
CA LYS E 69 2.46 -17.02 -11.38
C LYS E 69 1.94 -16.65 -10.00
N LEU E 70 0.89 -17.34 -9.54
CA LEU E 70 0.39 -17.09 -8.18
C LEU E 70 1.37 -17.58 -7.13
N PHE E 71 2.13 -18.62 -7.43
CA PHE E 71 3.09 -19.16 -6.47
C PHE E 71 4.45 -18.51 -6.57
N LEU E 72 4.69 -17.69 -7.59
CA LEU E 72 5.92 -16.95 -7.71
C LEU E 72 5.76 -15.47 -7.41
N GLU E 73 4.51 -15.01 -7.26
CA GLU E 73 4.22 -13.66 -6.80
C GLU E 73 3.96 -13.64 -5.30
N ALA E 74 4.67 -14.46 -4.55
CA ALA E 74 4.44 -14.59 -3.12
C ALA E 74 5.55 -14.01 -2.27
N PHE E 75 6.69 -13.58 -2.84
CA PHE E 75 7.77 -13.05 -2.01
C PHE E 75 8.50 -11.80 -2.55
N LYS E 76 7.87 -10.68 -3.00
CA LYS E 76 6.49 -10.27 -3.30
C LYS E 76 5.45 -10.37 -2.19
N ALA E 77 5.60 -9.45 -1.23
CA ALA E 77 4.78 -9.19 -0.04
C ALA E 77 5.08 -10.16 1.09
N LEU E 78 6.24 -10.81 1.03
CA LEU E 78 6.92 -11.30 2.21
C LEU E 78 8.21 -10.52 2.40
N GLY E 79 8.32 -9.85 3.55
CA GLY E 79 9.43 -8.95 3.78
C GLY E 79 10.46 -9.48 4.76
N GLY E 80 10.74 -10.77 4.69
CA GLY E 80 11.73 -11.40 5.54
C GLY E 80 12.95 -11.80 4.73
N LYS E 81 14.09 -11.95 5.42
CA LYS E 81 15.33 -12.25 4.72
C LYS E 81 15.47 -13.75 4.46
N GLY E 82 14.79 -14.57 5.25
CA GLY E 82 14.92 -16.01 5.13
C GLY E 82 14.29 -16.56 3.88
N PRO E 83 14.74 -17.73 3.43
CA PRO E 83 14.11 -18.36 2.27
C PRO E 83 12.74 -18.92 2.61
N TYR E 84 11.91 -19.16 1.59
CA TYR E 84 10.54 -19.61 1.81
C TYR E 84 10.19 -20.73 0.85
N THR E 85 9.57 -21.78 1.38
CA THR E 85 9.05 -22.88 0.59
C THR E 85 7.54 -22.90 0.76
N LEU E 86 6.83 -22.45 -0.26
CA LEU E 86 5.37 -22.35 -0.23
C LEU E 86 4.78 -23.63 -0.78
N GLN E 87 3.90 -24.26 -0.01
CA GLN E 87 3.29 -25.53 -0.38
C GLN E 87 1.78 -25.36 -0.57
N GLY E 88 1.19 -26.29 -1.30
CA GLY E 88 -0.23 -26.21 -1.58
C GLY E 88 -0.88 -27.52 -1.97
N LEU E 89 -1.99 -27.84 -1.31
CA LEU E 89 -2.74 -29.07 -1.55
C LEU E 89 -4.08 -28.69 -2.15
N LEU E 90 -4.35 -29.19 -3.36
CA LEU E 90 -5.53 -28.78 -4.11
C LEU E 90 -6.22 -30.00 -4.71
N GLY E 91 -7.54 -30.07 -4.56
CA GLY E 91 -8.30 -31.15 -5.18
C GLY E 91 -9.64 -31.35 -4.50
N CYS E 92 -10.26 -32.48 -4.81
CA CYS E 92 -11.58 -32.79 -4.28
C CYS E 92 -11.72 -34.29 -4.13
N GLU E 93 -12.61 -34.69 -3.21
CA GLU E 93 -12.97 -36.08 -2.99
C GLU E 93 -14.44 -36.28 -3.33
N LEU E 94 -14.79 -37.50 -3.72
CA LEU E 94 -16.18 -37.77 -4.12
C LEU E 94 -17.05 -37.96 -2.88
N GLY E 95 -18.29 -37.47 -2.97
CA GLY E 95 -19.25 -37.58 -1.89
C GLY E 95 -19.90 -38.95 -1.83
N PRO E 96 -21.16 -39.00 -1.33
CA PRO E 96 -21.87 -40.29 -1.26
C PRO E 96 -22.13 -40.91 -2.63
N ASP E 97 -22.84 -40.19 -3.47
CA ASP E 97 -22.98 -40.54 -4.88
C ASP E 97 -22.71 -39.35 -5.79
N ASN E 98 -23.14 -38.17 -5.39
CA ASN E 98 -22.86 -36.92 -6.08
C ASN E 98 -22.23 -35.98 -5.05
N THR E 99 -22.15 -34.69 -5.41
CA THR E 99 -21.80 -33.58 -4.51
C THR E 99 -20.42 -33.78 -3.87
N SER E 100 -19.41 -33.70 -4.74
CA SER E 100 -18.02 -33.85 -4.33
C SER E 100 -17.61 -32.79 -3.31
N VAL E 101 -16.77 -33.19 -2.37
CA VAL E 101 -16.27 -32.33 -1.31
C VAL E 101 -14.87 -31.87 -1.69
N PRO E 102 -14.61 -30.56 -1.74
CA PRO E 102 -13.27 -30.11 -2.12
C PRO E 102 -12.33 -29.97 -0.93
N THR E 103 -11.06 -29.66 -1.21
CA THR E 103 -10.08 -29.36 -0.17
C THR E 103 -9.04 -28.42 -0.76
N ALA E 104 -8.55 -27.49 0.08
CA ALA E 104 -7.56 -26.51 -0.36
C ALA E 104 -6.77 -26.01 0.84
N LYS E 105 -5.57 -26.55 1.02
CA LYS E 105 -4.71 -26.20 2.14
C LYS E 105 -3.38 -25.69 1.60
N PHE E 106 -2.75 -24.78 2.34
CA PHE E 106 -1.45 -24.26 1.97
C PHE E 106 -0.55 -24.23 3.20
N ALA E 107 0.75 -24.35 2.97
CA ALA E 107 1.73 -24.42 4.06
C ALA E 107 2.97 -23.62 3.71
N LEU E 108 3.37 -22.74 4.63
CA LEU E 108 4.59 -21.95 4.50
C LEU E 108 5.58 -22.44 5.55
N ASN E 109 6.77 -22.83 5.09
CA ASN E 109 7.84 -23.41 5.91
C ASN E 109 7.35 -24.63 6.69
N GLY E 110 6.65 -25.52 5.99
CA GLY E 110 6.26 -26.80 6.54
C GLY E 110 5.18 -26.75 7.59
N GLU E 111 4.41 -25.67 7.66
CA GLU E 111 3.36 -25.50 8.65
C GLU E 111 2.14 -24.89 7.97
N GLU E 112 0.98 -25.48 8.20
CA GLU E 112 -0.26 -25.02 7.57
C GLU E 112 -0.66 -23.66 8.13
N PHE E 113 -0.89 -22.71 7.23
CA PHE E 113 -1.13 -21.33 7.64
C PHE E 113 -2.30 -20.66 6.93
N MET E 114 -2.77 -21.17 5.80
CA MET E 114 -3.94 -20.58 5.16
C MET E 114 -4.69 -21.65 4.38
N ASN E 115 -5.93 -21.34 4.02
CA ASN E 115 -6.76 -22.25 3.26
C ASN E 115 -7.96 -21.56 2.64
N PHE E 116 -7.95 -21.44 1.31
CA PHE E 116 -9.02 -20.78 0.59
C PHE E 116 -10.39 -21.23 1.11
N ASP E 117 -11.11 -20.29 1.73
CA ASP E 117 -12.42 -20.57 2.27
C ASP E 117 -13.39 -21.00 1.16
N LEU E 118 -14.68 -20.98 1.46
CA LEU E 118 -15.69 -21.37 0.49
C LEU E 118 -16.70 -20.26 0.27
N LYS E 119 -17.04 -19.54 1.34
CA LYS E 119 -17.99 -18.44 1.26
C LYS E 119 -17.26 -17.11 1.17
N GLN E 120 -16.71 -16.69 2.30
CA GLN E 120 -15.97 -15.43 2.39
C GLN E 120 -15.10 -15.48 3.64
N GLY E 121 -13.80 -15.19 3.54
CA GLY E 121 -13.11 -14.79 2.32
C GLY E 121 -12.60 -15.88 1.42
N THR E 122 -12.02 -15.47 0.29
CA THR E 122 -11.50 -16.44 -0.66
C THR E 122 -10.23 -17.10 -0.12
N TRP E 123 -9.46 -16.36 0.67
CA TRP E 123 -8.29 -16.92 1.34
C TRP E 123 -8.20 -16.30 2.73
N GLY E 124 -7.67 -17.07 3.68
CA GLY E 124 -7.61 -16.55 5.02
C GLY E 124 -6.83 -17.36 6.03
N GLY E 125 -6.26 -16.66 7.02
CA GLY E 125 -5.56 -17.29 8.12
C GLY E 125 -5.24 -16.26 9.17
N ASP E 126 -5.01 -16.75 10.38
CA ASP E 126 -4.65 -15.87 11.49
C ASP E 126 -3.18 -15.53 11.54
N TRP E 127 -2.36 -16.17 10.70
CA TRP E 127 -0.94 -15.88 10.68
C TRP E 127 -0.70 -14.53 10.00
N PRO E 128 0.35 -13.81 10.40
CA PRO E 128 0.67 -12.54 9.72
C PRO E 128 1.13 -12.73 8.29
N GLU E 129 1.70 -13.88 7.94
CA GLU E 129 2.09 -14.14 6.57
C GLU E 129 0.92 -14.55 5.70
N ALA E 130 -0.18 -14.99 6.29
CA ALA E 130 -1.32 -15.45 5.51
C ALA E 130 -2.13 -14.30 4.93
N LEU E 131 -2.25 -13.19 5.66
CA LEU E 131 -2.99 -12.05 5.15
C LEU E 131 -2.20 -11.32 4.08
N ALA E 132 -0.87 -11.39 4.14
CA ALA E 132 -0.04 -10.71 3.15
C ALA E 132 -0.14 -11.38 1.79
N ILE E 133 -0.16 -12.70 1.76
CA ILE E 133 -0.28 -13.42 0.49
C ILE E 133 -1.71 -13.33 -0.03
N SER E 134 -2.69 -13.44 0.86
CA SER E 134 -4.10 -13.40 0.47
C SER E 134 -4.49 -12.04 -0.12
N GLN E 135 -3.94 -10.96 0.44
CA GLN E 135 -4.16 -9.65 -0.16
C GLN E 135 -3.40 -9.52 -1.47
N ARG E 136 -2.28 -10.22 -1.60
CA ARG E 136 -1.49 -10.16 -2.82
C ARG E 136 -2.13 -10.97 -3.92
N TRP E 137 -2.75 -12.11 -3.59
CA TRP E 137 -3.26 -13.01 -4.61
C TRP E 137 -4.53 -12.46 -5.26
N GLN E 138 -5.39 -11.83 -4.47
CA GLN E 138 -6.61 -11.27 -5.05
C GLN E 138 -6.38 -9.93 -5.72
N GLN E 139 -5.15 -9.41 -5.72
CA GLN E 139 -4.84 -8.19 -6.46
C GLN E 139 -4.96 -8.39 -7.96
N GLN E 140 -4.69 -9.61 -8.45
CA GLN E 140 -4.83 -9.94 -9.86
C GLN E 140 -6.27 -10.11 -10.32
N ASP E 141 -7.24 -9.88 -9.41
CA ASP E 141 -8.67 -9.60 -9.59
C ASP E 141 -9.51 -10.74 -10.16
N LYS E 142 -8.86 -11.78 -10.68
CA LYS E 142 -9.58 -12.90 -11.27
C LYS E 142 -9.11 -14.27 -10.78
N ALA E 143 -7.97 -14.32 -10.09
CA ALA E 143 -7.48 -15.60 -9.60
C ALA E 143 -8.38 -16.15 -8.51
N ALA E 144 -9.00 -15.27 -7.72
CA ALA E 144 -9.91 -15.72 -6.67
C ALA E 144 -11.19 -16.30 -7.26
N ASN E 145 -11.67 -15.76 -8.38
CA ASN E 145 -12.79 -16.35 -9.10
C ASN E 145 -12.38 -17.53 -9.95
N LYS E 146 -11.08 -17.68 -10.19
CA LYS E 146 -10.55 -18.78 -10.96
C LYS E 146 -10.60 -20.07 -10.13
N GLU E 147 -10.24 -19.96 -8.85
CA GLU E 147 -10.26 -21.12 -7.97
C GLU E 147 -11.64 -21.41 -7.39
N LEU E 148 -12.53 -20.41 -7.38
CA LEU E 148 -13.90 -20.67 -6.95
C LEU E 148 -14.62 -21.53 -7.98
N THR E 149 -14.40 -21.27 -9.27
CA THR E 149 -14.93 -22.13 -10.32
C THR E 149 -14.05 -23.34 -10.58
N PHE E 150 -12.89 -23.43 -9.93
CA PHE E 150 -12.07 -24.63 -10.08
C PHE E 150 -12.61 -25.75 -9.21
N LEU E 151 -12.67 -25.51 -7.88
CA LEU E 151 -12.89 -26.59 -6.93
C LEU E 151 -14.31 -27.14 -6.98
N LEU E 152 -15.27 -26.35 -7.42
CA LEU E 152 -16.66 -26.78 -7.40
C LEU E 152 -17.19 -27.15 -8.77
N PHE E 153 -16.52 -26.76 -9.85
CA PHE E 153 -17.11 -26.92 -11.17
C PHE E 153 -16.26 -27.72 -12.15
N SER E 154 -14.95 -27.50 -12.17
CA SER E 154 -14.15 -28.10 -13.24
C SER E 154 -13.58 -29.45 -12.84
N CYS E 155 -12.79 -29.49 -11.76
CA CYS E 155 -12.19 -30.75 -11.34
C CYS E 155 -13.17 -31.82 -10.84
N PRO E 156 -14.34 -31.51 -10.24
CA PRO E 156 -15.35 -32.56 -10.11
C PRO E 156 -15.96 -32.98 -11.43
N HIS E 157 -16.09 -32.09 -12.41
CA HIS E 157 -16.49 -32.52 -13.74
C HIS E 157 -15.37 -33.28 -14.42
N ARG E 158 -14.12 -32.92 -14.13
CA ARG E 158 -12.98 -33.73 -14.57
C ARG E 158 -12.96 -35.07 -13.86
N LEU E 159 -13.42 -35.13 -12.60
CA LEU E 159 -13.47 -36.39 -11.88
C LEU E 159 -14.54 -37.30 -12.43
N ARG E 160 -15.72 -36.76 -12.76
CA ARG E 160 -16.73 -37.56 -13.44
C ARG E 160 -16.39 -37.79 -14.90
N GLU E 161 -15.47 -37.01 -15.47
CA GLU E 161 -14.85 -37.39 -16.74
C GLU E 161 -13.89 -38.55 -16.56
N HIS E 162 -13.34 -38.71 -15.36
CA HIS E 162 -12.45 -39.82 -15.04
C HIS E 162 -13.15 -40.94 -14.28
N LEU E 163 -14.37 -40.71 -13.80
CA LEU E 163 -15.08 -41.75 -13.06
C LEU E 163 -15.44 -42.94 -13.94
N GLU E 164 -15.69 -42.73 -15.23
CA GLU E 164 -15.78 -43.83 -16.19
C GLU E 164 -14.86 -43.48 -17.37
N ARG E 165 -13.55 -43.68 -17.18
CA ARG E 165 -12.63 -43.79 -18.30
C ARG E 165 -11.60 -44.91 -18.13
N GLY E 166 -11.11 -45.17 -16.93
CA GLY E 166 -9.87 -45.91 -16.75
C GLY E 166 -9.93 -47.02 -15.72
N ARG E 167 -11.02 -47.78 -15.71
CA ARG E 167 -11.36 -48.65 -14.59
C ARG E 167 -10.44 -49.85 -14.43
N GLY E 168 -9.51 -50.08 -15.37
CA GLY E 168 -8.54 -51.15 -15.20
C GLY E 168 -7.51 -50.85 -14.14
N ASN E 169 -7.28 -49.57 -13.84
CA ASN E 169 -6.39 -49.18 -12.75
C ASN E 169 -7.07 -49.26 -11.40
N LEU E 170 -8.40 -49.37 -11.37
CA LEU E 170 -9.14 -49.51 -10.14
C LEU E 170 -9.37 -50.96 -9.76
N GLU E 171 -8.75 -51.90 -10.47
CA GLU E 171 -8.85 -53.32 -10.15
C GLU E 171 -7.48 -53.97 -10.04
N TRP E 172 -6.45 -53.19 -9.74
CA TRP E 172 -5.09 -53.72 -9.61
C TRP E 172 -5.01 -54.60 -8.36
N LYS E 173 -5.00 -55.92 -8.58
CA LYS E 173 -4.99 -56.90 -7.49
C LYS E 173 -3.76 -57.78 -7.68
N GLU E 174 -2.65 -57.36 -7.09
CA GLU E 174 -1.39 -58.10 -7.22
C GLU E 174 -1.11 -58.77 -5.89
N PRO E 175 -1.26 -60.08 -5.77
CA PRO E 175 -0.86 -60.75 -4.53
C PRO E 175 0.64 -60.78 -4.41
N PRO E 176 1.18 -60.47 -3.23
CA PRO E 176 2.61 -60.20 -3.11
C PRO E 176 3.46 -61.46 -3.01
N SER E 177 4.77 -61.28 -3.17
CA SER E 177 5.73 -62.34 -2.89
C SER E 177 6.23 -62.20 -1.47
N MET E 178 6.10 -63.27 -0.69
CA MET E 178 6.37 -63.22 0.75
C MET E 178 7.44 -64.24 1.10
N ARG E 179 8.59 -63.75 1.55
CA ARG E 179 9.77 -64.58 1.82
C ARG E 179 10.20 -64.34 3.26
N LEU E 180 9.91 -65.31 4.13
CA LEU E 180 10.39 -65.29 5.51
C LEU E 180 11.88 -65.62 5.52
N LYS E 181 12.70 -64.66 5.93
CA LYS E 181 14.13 -64.85 6.16
C LYS E 181 14.46 -64.53 7.60
N ALA E 182 15.73 -64.71 7.96
CA ALA E 182 16.16 -64.46 9.33
C ALA E 182 17.63 -64.07 9.36
N ARG E 183 18.01 -63.38 10.42
CA ARG E 183 19.38 -62.99 10.71
C ARG E 183 19.67 -63.36 12.16
N PRO E 184 20.96 -63.49 12.53
CA PRO E 184 21.28 -63.63 13.96
C PRO E 184 21.50 -62.29 14.63
N SER E 185 21.65 -62.28 15.94
CA SER E 185 21.89 -61.05 16.69
C SER E 185 22.72 -61.38 17.92
N SER E 186 22.66 -60.49 18.92
CA SER E 186 23.24 -60.59 20.25
C SER E 186 22.95 -61.94 20.92
N PRO E 187 23.86 -62.44 21.81
CA PRO E 187 23.66 -63.77 22.41
C PRO E 187 22.41 -63.89 23.28
N GLY E 188 21.54 -64.82 22.92
CA GLY E 188 20.28 -65.03 23.60
C GLY E 188 19.06 -64.76 22.74
N PHE E 189 19.13 -63.84 21.78
CA PHE E 189 17.99 -63.50 20.95
C PHE E 189 18.33 -63.75 19.49
N SER E 190 17.33 -63.62 18.64
CA SER E 190 17.49 -63.64 17.19
C SER E 190 16.61 -62.55 16.61
N VAL E 191 16.87 -62.19 15.35
CA VAL E 191 16.11 -61.16 14.67
C VAL E 191 15.42 -61.77 13.45
N LEU E 192 14.09 -61.70 13.44
CA LEU E 192 13.28 -62.30 12.40
C LEU E 192 12.74 -61.21 11.48
N THR E 193 12.52 -61.59 10.22
CA THR E 193 11.90 -60.66 9.28
C THR E 193 10.95 -61.42 8.36
N CYS E 194 9.83 -60.80 8.05
CA CYS E 194 8.93 -61.23 7.00
C CYS E 194 8.65 -60.03 6.11
N SER E 195 8.82 -60.19 4.80
CA SER E 195 8.72 -59.06 3.89
C SER E 195 7.81 -59.41 2.71
N ALA E 196 7.29 -58.36 2.09
CA ALA E 196 6.41 -58.48 0.94
C ALA E 196 6.87 -57.51 -0.13
N PHE E 197 6.84 -57.95 -1.39
CA PHE E 197 7.48 -57.24 -2.49
C PHE E 197 6.50 -57.02 -3.63
N SER E 198 6.44 -55.79 -4.12
CA SER E 198 5.90 -55.41 -5.43
C SER E 198 4.41 -55.75 -5.56
N PHE E 199 3.62 -55.18 -4.67
CA PHE E 199 2.18 -55.37 -4.67
C PHE E 199 1.48 -54.05 -4.91
N TYR E 200 0.38 -54.10 -5.64
CA TYR E 200 -0.39 -52.91 -6.02
C TYR E 200 -1.33 -52.32 -4.95
N PRO E 201 -2.20 -53.08 -4.25
CA PRO E 201 -3.13 -52.41 -3.33
C PRO E 201 -2.44 -51.99 -2.04
N PRO E 202 -2.93 -50.93 -1.39
CA PRO E 202 -2.18 -50.34 -0.27
C PRO E 202 -2.49 -50.93 1.10
N GLU E 203 -3.15 -52.09 1.16
CA GLU E 203 -3.52 -52.69 2.43
C GLU E 203 -2.79 -54.01 2.66
N LEU E 204 -2.11 -54.11 3.80
CA LEU E 204 -1.41 -55.32 4.19
C LEU E 204 -1.15 -55.23 5.69
N GLN E 205 -1.61 -56.23 6.44
CA GLN E 205 -1.47 -56.26 7.90
C GLN E 205 -0.71 -57.55 8.23
N LEU E 206 0.59 -57.42 8.43
CA LEU E 206 1.45 -58.56 8.73
C LEU E 206 1.88 -58.52 10.19
N ARG E 207 1.81 -59.67 10.84
CA ARG E 207 2.07 -59.77 12.27
C ARG E 207 2.84 -61.06 12.54
N PHE E 208 3.22 -61.24 13.80
CA PHE E 208 4.00 -62.39 14.24
C PHE E 208 3.24 -63.14 15.33
N LEU E 209 3.38 -64.47 15.32
CA LEU E 209 2.68 -65.35 16.26
C LEU E 209 3.70 -66.29 16.89
N ARG E 210 3.40 -66.77 18.10
CA ARG E 210 4.30 -67.74 18.74
C ARG E 210 3.99 -69.15 18.26
N ASN E 211 2.82 -69.68 18.62
CA ASN E 211 2.40 -71.00 18.16
C ASN E 211 1.09 -70.95 17.39
N GLY E 212 0.04 -70.43 17.99
CA GLY E 212 -1.22 -70.18 17.32
C GLY E 212 -1.84 -68.91 17.88
N LEU E 213 -1.12 -68.29 18.82
CA LEU E 213 -1.57 -67.08 19.50
C LEU E 213 -0.78 -65.88 18.98
N ALA E 214 -1.44 -64.73 18.95
CA ALA E 214 -0.84 -63.53 18.39
C ALA E 214 0.26 -62.99 19.31
N ALA E 215 1.41 -62.67 18.71
CA ALA E 215 2.56 -62.19 19.45
C ALA E 215 3.01 -60.79 19.08
N GLY E 216 2.35 -60.13 18.14
CA GLY E 216 2.68 -58.76 17.81
C GLY E 216 2.77 -58.46 16.33
N THR E 217 2.56 -57.19 15.97
CA THR E 217 2.62 -56.74 14.59
C THR E 217 4.04 -56.38 14.14
N GLY E 218 4.95 -56.14 15.08
CA GLY E 218 6.28 -55.69 14.75
C GLY E 218 6.29 -54.22 14.37
N GLN E 219 7.36 -53.80 13.70
CA GLN E 219 7.50 -52.44 13.20
C GLN E 219 7.21 -52.47 11.71
N GLY E 220 5.98 -52.11 11.33
CA GLY E 220 5.56 -52.12 9.95
C GLY E 220 6.07 -50.92 9.16
N ASP E 221 6.73 -51.19 8.03
CA ASP E 221 7.24 -50.15 7.16
C ASP E 221 6.54 -50.24 5.81
N PHE E 222 6.72 -49.18 5.01
CA PHE E 222 5.99 -49.04 3.76
C PHE E 222 6.85 -48.27 2.75
N GLY E 223 6.75 -48.66 1.49
CA GLY E 223 7.33 -47.90 0.40
C GLY E 223 6.88 -48.37 -0.96
N PRO E 224 6.44 -47.45 -1.80
CA PRO E 224 6.14 -47.78 -3.20
C PRO E 224 7.40 -48.06 -4.03
N ASN E 225 7.17 -48.36 -5.30
CA ASN E 225 8.23 -48.76 -6.22
C ASN E 225 8.12 -47.96 -7.51
N SER E 226 8.90 -48.39 -8.51
CA SER E 226 9.03 -47.68 -9.78
C SER E 226 7.97 -48.09 -10.80
N ASP E 227 6.94 -48.81 -10.37
CA ASP E 227 5.96 -49.35 -11.31
C ASP E 227 4.55 -49.38 -10.74
N GLY E 228 4.23 -48.51 -9.79
CA GLY E 228 2.93 -48.52 -9.16
C GLY E 228 2.73 -49.59 -8.11
N SER E 229 3.79 -50.32 -7.76
CA SER E 229 3.74 -51.38 -6.78
C SER E 229 4.38 -50.92 -5.49
N PHE E 230 4.08 -51.62 -4.39
CA PHE E 230 4.48 -51.16 -3.05
C PHE E 230 5.44 -52.15 -2.40
N HIS E 231 5.74 -51.94 -1.13
CA HIS E 231 6.61 -52.83 -0.37
C HIS E 231 6.29 -52.67 1.11
N ALA E 232 6.35 -53.78 1.84
CA ALA E 232 6.15 -53.79 3.28
C ALA E 232 7.30 -54.53 3.95
N SER E 233 7.46 -54.29 5.26
CA SER E 233 8.45 -54.99 6.07
C SER E 233 7.95 -55.07 7.51
N SER E 234 8.45 -56.08 8.24
CA SER E 234 8.11 -56.24 9.66
C SER E 234 9.20 -57.06 10.32
N SER E 235 9.80 -56.53 11.38
CA SER E 235 10.87 -57.17 12.12
C SER E 235 10.52 -57.25 13.61
N LEU E 236 11.20 -58.17 14.31
CA LEU E 236 11.08 -58.29 15.75
C LEU E 236 12.29 -59.05 16.28
N THR E 237 12.86 -58.56 17.38
CA THR E 237 13.85 -59.32 18.13
C THR E 237 13.16 -60.47 18.84
N VAL E 238 13.38 -61.70 18.37
CA VAL E 238 12.72 -62.87 18.94
C VAL E 238 13.75 -63.77 19.61
N LYS E 239 13.27 -64.89 20.18
CA LYS E 239 14.14 -65.82 20.87
C LYS E 239 15.02 -66.59 19.88
N SER E 240 16.23 -66.93 20.32
CA SER E 240 17.12 -67.78 19.55
C SER E 240 16.61 -69.22 19.45
N GLY E 241 15.67 -69.62 20.30
CA GLY E 241 14.96 -70.87 20.14
C GLY E 241 13.57 -70.63 19.56
N ASP E 242 12.89 -71.75 19.28
CA ASP E 242 11.50 -71.82 18.82
C ASP E 242 11.29 -71.07 17.50
N GLU E 243 12.30 -71.03 16.63
CA GLU E 243 12.16 -70.37 15.35
C GLU E 243 11.35 -71.16 14.33
N HIS E 244 11.05 -72.42 14.63
CA HIS E 244 10.29 -73.27 13.71
C HIS E 244 8.79 -73.20 13.96
N HIS E 245 8.34 -72.23 14.78
CA HIS E 245 6.92 -72.08 15.08
C HIS E 245 6.37 -70.69 14.83
N TYR E 246 7.21 -69.67 14.61
CA TYR E 246 6.74 -68.31 14.36
C TYR E 246 6.12 -68.25 12.98
N CYS E 247 4.80 -68.07 12.93
CA CYS E 247 4.04 -68.06 11.69
C CYS E 247 3.55 -66.65 11.37
N CYS E 248 3.37 -66.39 10.08
CA CYS E 248 2.99 -65.06 9.59
C CYS E 248 1.63 -65.14 8.91
N ILE E 249 0.58 -64.95 9.70
CA ILE E 249 -0.79 -64.95 9.21
C ILE E 249 -1.11 -63.53 8.75
N VAL E 250 -1.19 -63.34 7.43
CA VAL E 250 -1.31 -62.01 6.84
C VAL E 250 -2.15 -62.07 5.57
N GLN E 251 -3.20 -61.25 5.52
CA GLN E 251 -4.09 -61.17 4.38
C GLN E 251 -3.55 -60.21 3.33
N HIS E 252 -4.37 -59.94 2.32
CA HIS E 252 -4.08 -58.96 1.29
C HIS E 252 -5.39 -58.61 0.60
N ALA E 253 -5.36 -57.55 -0.20
CA ALA E 253 -6.49 -57.19 -1.04
C ALA E 253 -6.46 -57.86 -2.40
N GLY E 254 -5.36 -58.51 -2.75
CA GLY E 254 -5.31 -59.34 -3.94
C GLY E 254 -5.37 -60.82 -3.59
N LEU E 255 -5.77 -61.11 -2.35
CA LEU E 255 -5.85 -62.48 -1.84
C LEU E 255 -7.14 -62.65 -1.05
N ALA E 256 -7.64 -63.89 -1.02
CA ALA E 256 -8.86 -64.23 -0.29
C ALA E 256 -8.58 -65.11 0.92
N GLN E 257 -7.32 -65.21 1.35
CA GLN E 257 -6.96 -66.01 2.52
C GLN E 257 -5.66 -65.49 3.13
N PRO E 258 -5.54 -65.47 4.46
CA PRO E 258 -4.29 -65.04 5.09
C PRO E 258 -3.22 -66.13 5.10
N LEU E 259 -2.45 -66.20 4.02
CA LEU E 259 -1.58 -67.33 3.74
C LEU E 259 -0.43 -67.45 4.76
N ARG E 260 -0.13 -68.69 5.14
CA ARG E 260 0.96 -68.97 6.05
C ARG E 260 2.27 -69.18 5.30
N VAL E 261 3.34 -68.54 5.78
CA VAL E 261 4.68 -68.72 5.23
C VAL E 261 5.55 -69.37 6.30
N GLU E 262 6.61 -70.05 5.83
CA GLU E 262 7.46 -70.88 6.69
C GLU E 262 8.88 -70.34 6.69
N LEU E 263 9.66 -70.79 7.68
CA LEU E 263 11.07 -70.42 7.78
C LEU E 263 11.93 -71.25 6.83
N ILE F 1 10.58 -26.27 13.06
CA ILE F 1 10.53 -25.96 11.64
C ILE F 1 11.65 -26.69 10.90
N GLN F 2 12.17 -27.73 11.53
CA GLN F 2 13.26 -28.52 10.96
C GLN F 2 12.99 -29.99 11.19
N ARG F 3 13.16 -30.79 10.13
CA ARG F 3 12.97 -32.23 10.20
C ARG F 3 14.22 -32.93 9.71
N THR F 4 14.47 -34.11 10.25
CA THR F 4 15.50 -35.12 9.99
C THR F 4 14.89 -36.29 9.24
N PRO F 5 15.43 -36.66 8.08
CA PRO F 5 14.81 -37.67 7.23
C PRO F 5 14.93 -39.08 7.79
N LYS F 6 14.27 -40.02 7.11
CA LYS F 6 14.27 -41.42 7.50
C LYS F 6 14.51 -42.27 6.27
N ILE F 7 15.58 -43.06 6.29
CA ILE F 7 15.99 -43.86 5.14
C ILE F 7 15.41 -45.26 5.29
N GLN F 8 14.81 -45.77 4.21
CA GLN F 8 14.25 -47.13 4.19
C GLN F 8 14.72 -47.79 2.90
N VAL F 9 15.64 -48.75 3.03
CA VAL F 9 16.24 -49.42 1.88
C VAL F 9 15.58 -50.79 1.73
N TYR F 10 15.24 -51.13 0.49
CA TYR F 10 14.52 -52.35 0.15
C TYR F 10 14.62 -52.55 -1.36
N SER F 11 14.26 -53.74 -1.81
CA SER F 11 14.31 -54.08 -3.22
C SER F 11 12.89 -54.19 -3.77
N ARG F 12 12.76 -53.96 -5.09
CA ARG F 12 11.49 -54.16 -5.76
C ARG F 12 11.15 -55.64 -5.86
N HIS F 13 11.95 -56.37 -6.60
CA HIS F 13 11.86 -57.81 -6.76
C HIS F 13 12.65 -58.49 -5.65
N PRO F 14 12.28 -59.72 -5.27
CA PRO F 14 13.16 -60.53 -4.42
C PRO F 14 14.51 -60.77 -5.06
N ALA F 15 15.54 -60.87 -4.20
CA ALA F 15 16.93 -60.89 -4.65
C ALA F 15 17.29 -62.26 -5.25
N GLU F 16 16.75 -62.51 -6.44
CA GLU F 16 17.09 -63.71 -7.19
C GLU F 16 18.31 -63.39 -8.06
N ASN F 17 19.36 -64.20 -7.91
CA ASN F 17 20.66 -63.86 -8.45
C ASN F 17 20.71 -64.02 -9.97
N GLY F 18 21.68 -63.37 -10.58
CA GLY F 18 21.82 -63.36 -12.04
C GLY F 18 21.05 -62.26 -12.74
N LYS F 19 19.73 -62.22 -12.58
CA LYS F 19 18.93 -61.18 -13.19
C LYS F 19 19.10 -59.87 -12.43
N SER F 20 18.82 -58.76 -13.12
CA SER F 20 18.92 -57.44 -12.51
C SER F 20 17.70 -57.15 -11.65
N ASN F 21 17.94 -56.61 -10.47
CA ASN F 21 16.90 -56.24 -9.53
C ASN F 21 16.92 -54.72 -9.34
N PHE F 22 15.94 -54.20 -8.61
CA PHE F 22 15.81 -52.75 -8.42
C PHE F 22 15.82 -52.44 -6.92
N LEU F 23 16.81 -51.67 -6.49
CA LEU F 23 16.97 -51.31 -5.07
C LEU F 23 16.27 -49.98 -4.82
N ASN F 24 15.03 -50.04 -4.37
CA ASN F 24 14.28 -48.81 -4.12
C ASN F 24 14.59 -48.29 -2.73
N CYS F 25 15.29 -47.16 -2.66
CA CYS F 25 15.67 -46.52 -1.41
C CYS F 25 14.71 -45.37 -1.12
N TYR F 26 14.12 -45.37 0.07
CA TYR F 26 13.05 -44.45 0.44
C TYR F 26 13.54 -43.49 1.50
N VAL F 27 13.54 -42.20 1.17
CA VAL F 27 13.84 -41.12 2.11
C VAL F 27 12.55 -40.37 2.38
N SER F 28 12.20 -40.18 3.65
CA SER F 28 10.93 -39.57 3.99
C SER F 28 11.03 -38.78 5.28
N GLY F 29 10.10 -37.83 5.45
CA GLY F 29 10.00 -37.06 6.66
C GLY F 29 11.09 -36.03 6.82
N PHE F 30 11.16 -35.07 5.91
CA PHE F 30 12.24 -34.09 5.92
C PHE F 30 11.73 -32.79 5.31
N HIS F 31 12.11 -31.67 5.92
CA HIS F 31 11.82 -30.34 5.37
C HIS F 31 13.05 -29.46 5.26
N PRO F 32 13.96 -29.75 4.31
CA PRO F 32 14.85 -28.69 3.84
C PRO F 32 14.27 -28.04 2.60
N SER F 33 15.03 -27.14 1.98
CA SER F 33 14.71 -26.76 0.61
C SER F 33 15.29 -27.77 -0.38
N ASP F 34 16.45 -28.32 -0.07
CA ASP F 34 17.20 -29.19 -0.97
C ASP F 34 17.74 -30.38 -0.21
N ILE F 35 17.67 -31.57 -0.82
CA ILE F 35 18.25 -32.79 -0.28
C ILE F 35 19.04 -33.47 -1.39
N GLU F 36 20.10 -34.16 -1.00
CA GLU F 36 21.00 -34.84 -1.92
C GLU F 36 21.03 -36.31 -1.53
N VAL F 37 20.45 -37.16 -2.37
CA VAL F 37 20.44 -38.61 -2.16
C VAL F 37 21.44 -39.24 -3.12
N ASP F 38 22.20 -40.21 -2.62
CA ASP F 38 23.24 -40.87 -3.41
C ASP F 38 23.21 -42.36 -3.15
N LEU F 39 23.31 -43.14 -4.22
CA LEU F 39 23.32 -44.59 -4.14
C LEU F 39 24.75 -45.10 -4.30
N LEU F 40 25.11 -46.11 -3.52
CA LEU F 40 26.51 -46.53 -3.41
C LEU F 40 26.63 -48.05 -3.51
N LYS F 41 27.73 -48.50 -4.09
CA LYS F 41 28.07 -49.91 -4.24
C LYS F 41 29.47 -50.10 -3.65
N ASN F 42 29.51 -50.35 -2.34
CA ASN F 42 30.75 -50.59 -1.57
C ASN F 42 31.73 -49.43 -1.72
N GLY F 43 31.20 -48.21 -1.69
CA GLY F 43 32.01 -47.03 -1.85
C GLY F 43 32.17 -46.54 -3.28
N GLU F 44 31.51 -47.18 -4.25
CA GLU F 44 31.54 -46.72 -5.63
C GLU F 44 30.24 -45.97 -5.94
N ARG F 45 30.38 -44.72 -6.40
CA ARG F 45 29.22 -43.92 -6.79
C ARG F 45 28.64 -44.47 -8.09
N ILE F 46 27.39 -44.89 -8.06
CA ILE F 46 26.72 -45.28 -9.30
C ILE F 46 26.39 -44.03 -10.11
N GLU F 47 26.82 -44.02 -11.37
CA GLU F 47 26.66 -42.84 -12.21
C GLU F 47 25.20 -42.63 -12.59
N LYS F 48 24.57 -43.66 -13.14
CA LYS F 48 23.22 -43.56 -13.70
C LYS F 48 22.24 -44.02 -12.62
N VAL F 49 21.62 -43.05 -11.94
CA VAL F 49 20.56 -43.30 -10.97
C VAL F 49 19.36 -42.45 -11.35
N GLU F 50 18.19 -43.09 -11.39
CA GLU F 50 16.99 -42.43 -11.85
C GLU F 50 16.28 -41.74 -10.70
N HIS F 51 15.73 -40.56 -10.98
CA HIS F 51 15.08 -39.73 -9.97
C HIS F 51 13.56 -39.83 -10.15
N SER F 52 12.86 -39.93 -9.03
CA SER F 52 11.41 -39.88 -9.05
C SER F 52 10.94 -38.45 -8.86
N ASP F 53 9.63 -38.25 -9.02
CA ASP F 53 9.05 -36.93 -8.86
C ASP F 53 8.98 -36.58 -7.37
N LEU F 54 9.61 -35.47 -7.00
CA LEU F 54 9.68 -35.06 -5.61
C LEU F 54 8.33 -34.50 -5.18
N SER F 55 7.74 -35.10 -4.14
CA SER F 55 6.42 -34.70 -3.66
C SER F 55 6.44 -34.73 -2.14
N PHE F 56 5.27 -34.49 -1.54
CA PHE F 56 5.15 -34.43 -0.09
C PHE F 56 3.92 -35.21 0.35
N SER F 57 3.96 -35.69 1.59
CA SER F 57 2.87 -36.48 2.16
C SER F 57 1.79 -35.56 2.70
N LYS F 58 0.87 -36.12 3.48
CA LYS F 58 -0.26 -35.35 3.99
C LYS F 58 0.13 -34.39 5.12
N ASP F 59 1.29 -34.60 5.75
CA ASP F 59 1.71 -33.77 6.87
C ASP F 59 2.78 -32.75 6.48
N TRP F 60 2.81 -32.37 5.20
CA TRP F 60 3.74 -31.37 4.64
C TRP F 60 5.21 -31.76 4.84
N SER F 61 5.50 -33.05 4.70
CA SER F 61 6.87 -33.55 4.75
C SER F 61 7.17 -34.26 3.45
N PHE F 62 8.32 -33.95 2.85
CA PHE F 62 8.63 -34.47 1.54
C PHE F 62 9.05 -35.94 1.62
N TYR F 63 8.99 -36.61 0.47
CA TYR F 63 9.49 -37.97 0.34
C TYR F 63 9.97 -38.16 -1.10
N LEU F 64 11.02 -38.96 -1.26
CA LEU F 64 11.65 -39.12 -2.56
C LEU F 64 12.20 -40.53 -2.69
N LEU F 65 11.97 -41.14 -3.86
CA LEU F 65 12.38 -42.50 -4.16
C LEU F 65 13.56 -42.48 -5.14
N TYR F 66 14.67 -43.10 -4.74
CA TYR F 66 15.81 -43.32 -5.62
C TYR F 66 16.00 -44.82 -5.82
N TYR F 67 16.45 -45.19 -7.02
CA TYR F 67 16.54 -46.60 -7.36
C TYR F 67 17.57 -46.80 -8.46
N THR F 68 18.11 -48.02 -8.50
CA THR F 68 19.12 -48.40 -9.49
C THR F 68 18.78 -49.78 -10.03
N GLU F 69 19.47 -50.15 -11.12
CA GLU F 69 19.26 -51.43 -11.79
C GLU F 69 20.39 -52.38 -11.39
N PHE F 70 20.29 -52.95 -10.20
CA PHE F 70 21.41 -53.67 -9.60
C PHE F 70 21.24 -55.17 -9.74
N THR F 71 22.38 -55.87 -9.78
CA THR F 71 22.37 -57.32 -9.89
C THR F 71 22.70 -57.91 -8.52
N PRO F 72 21.76 -58.58 -7.85
CA PRO F 72 22.03 -59.10 -6.50
C PRO F 72 22.80 -60.41 -6.57
N THR F 73 23.93 -60.46 -5.85
CA THR F 73 24.64 -61.70 -5.56
C THR F 73 25.03 -61.67 -4.09
N GLU F 74 25.91 -62.58 -3.71
CA GLU F 74 26.35 -62.61 -2.31
C GLU F 74 27.33 -61.49 -2.01
N LYS F 75 28.24 -61.20 -2.94
CA LYS F 75 29.30 -60.25 -2.68
C LYS F 75 28.90 -58.80 -2.92
N ASP F 76 27.80 -58.56 -3.64
CA ASP F 76 27.38 -57.20 -3.98
C ASP F 76 26.60 -56.59 -2.82
N GLU F 77 27.30 -55.84 -1.97
CA GLU F 77 26.68 -55.12 -0.87
C GLU F 77 26.52 -53.65 -1.24
N TYR F 78 25.42 -53.06 -0.80
CA TYR F 78 24.99 -51.74 -1.26
C TYR F 78 24.66 -50.86 -0.07
N ALA F 79 24.56 -49.55 -0.33
CA ALA F 79 24.26 -48.57 0.71
C ALA F 79 23.57 -47.36 0.10
N CYS F 80 22.93 -46.58 0.97
CA CYS F 80 22.34 -45.30 0.60
C CYS F 80 23.03 -44.20 1.42
N ARG F 81 23.36 -43.10 0.76
CA ARG F 81 23.99 -41.96 1.42
C ARG F 81 23.20 -40.71 1.11
N VAL F 82 22.68 -40.06 2.14
CA VAL F 82 21.81 -38.89 2.01
C VAL F 82 22.49 -37.69 2.66
N ASN F 83 22.26 -36.51 2.10
CA ASN F 83 22.85 -35.27 2.59
C ASN F 83 21.77 -34.27 2.92
N HIS F 84 21.91 -33.61 4.06
CA HIS F 84 20.87 -32.72 4.59
C HIS F 84 21.51 -31.45 5.10
N VAL F 85 20.67 -30.44 5.34
CA VAL F 85 21.12 -29.23 6.02
C VAL F 85 21.25 -29.49 7.53
N THR F 86 20.51 -30.46 8.06
CA THR F 86 20.58 -30.79 9.47
C THR F 86 21.83 -31.63 9.79
N LEU F 87 21.93 -32.80 9.18
CA LEU F 87 23.06 -33.69 9.44
C LEU F 87 24.29 -33.20 8.70
N SER F 88 25.39 -33.03 9.45
CA SER F 88 26.65 -32.62 8.85
C SER F 88 27.25 -33.74 8.02
N GLN F 89 27.54 -34.86 8.66
CA GLN F 89 28.03 -36.02 7.94
C GLN F 89 26.88 -36.70 7.18
N PRO F 90 27.16 -37.24 6.00
CA PRO F 90 26.11 -37.97 5.28
C PRO F 90 25.84 -39.32 5.92
N LYS F 91 24.57 -39.60 6.17
CA LYS F 91 24.18 -40.72 7.01
C LYS F 91 24.30 -42.04 6.27
N ILE F 92 25.00 -42.99 6.89
CA ILE F 92 25.16 -44.33 6.33
C ILE F 92 24.00 -45.23 6.78
N VAL F 93 23.37 -45.89 5.80
CA VAL F 93 22.43 -46.98 6.04
C VAL F 93 22.83 -48.13 5.13
N LYS F 94 23.16 -49.27 5.73
CA LYS F 94 23.59 -50.44 4.97
C LYS F 94 22.38 -51.28 4.55
N TRP F 95 22.36 -51.67 3.27
CA TRP F 95 21.28 -52.48 2.74
C TRP F 95 21.47 -53.94 3.13
N ASP F 96 20.45 -54.52 3.76
CA ASP F 96 20.44 -55.94 4.10
C ASP F 96 19.72 -56.70 3.01
N ARG F 97 20.27 -57.86 2.63
CA ARG F 97 19.70 -58.65 1.55
C ARG F 97 18.37 -59.31 1.92
N ASP F 98 18.11 -59.47 3.22
CA ASP F 98 16.90 -60.15 3.68
C ASP F 98 15.64 -59.30 3.52
N MET F 99 15.77 -58.00 3.27
CA MET F 99 14.60 -57.16 3.01
C MET F 99 14.72 -56.45 1.67
C1 MYR G . -43.86 21.46 4.55
O1 MYR G . -42.98 21.60 5.42
C2 MYR G . -45.28 21.19 4.96
C3 MYR G . -46.20 21.85 3.95
C4 MYR G . -45.86 21.42 2.53
C5 MYR G . -47.06 21.66 1.63
C6 MYR G . -46.73 21.35 0.18
C7 MYR G . -46.35 19.89 -0.02
C8 MYR G . -46.37 19.58 -1.51
C9 MYR G . -45.62 18.30 -1.83
C10 MYR G . -46.39 17.08 -1.33
C11 MYR G . -45.44 16.08 -0.69
C12 MYR G . -44.36 15.64 -1.66
C13 MYR G . -43.09 15.26 -0.93
C14 MYR G . -41.83 15.50 -1.79
#